data_1LDB
#
_entry.id   1LDB
#
_cell.length_a   86.900
_cell.length_b   86.900
_cell.length_c   357.300
_cell.angle_alpha   90.00
_cell.angle_beta   90.00
_cell.angle_gamma   120.00
#
_symmetry.space_group_name_H-M   'P 61'
#
loop_
_entity.id
_entity.type
_entity.pdbx_description
1 polymer 'APO-L-LACTATE DEHYDROGENASE'
2 non-polymer 'SULFATE ION'
3 water water
#
_entity_poly.entity_id   1
_entity_poly.type   'polypeptide(L)'
_entity_poly.pdbx_seq_one_letter_code
;MKNNGGARVVVIGAGFVGASYVFALMNQGIADEIVLIDANESKAIGDAMDFNHGKVFAPKPVDIWHGDYDDCRDADLVVI
CAGANQKPGETRLDLVDKNIAIFRSIVESVMASGFQGLFLVATNPVDILTYATWKFSGLPHERVIGSGTILDTARFRFLL
GEYFSVAPQNVHAYIIGEHGDTELPVWSQAYIGVMPIRKLVESKGEEAQKDLERIFVNVRDAAYQIIEKKGATYYGIAMG
LARVTRAILHNENAILTVSAYLDGLYGERDVYIGVPAVINRNGIREVIEIELNDDEKNRFHHSAATLKSVLARAFTR
;
_entity_poly.pdbx_strand_id   A,B,C,D
#
loop_
_chem_comp.id
_chem_comp.type
_chem_comp.name
_chem_comp.formula
SO4 non-polymer 'SULFATE ION' 'O4 S -2'
#
# COMPACT_ATOMS: atom_id res chain seq x y z
N MET A 1 11.28 18.05 -19.59
CA MET A 1 12.23 19.07 -19.05
C MET A 1 13.53 18.35 -18.73
N LYS A 2 13.98 18.44 -17.50
CA LYS A 2 15.19 17.67 -17.06
C LYS A 2 14.56 16.43 -16.43
N ASN A 3 15.03 16.06 -15.27
CA ASN A 3 14.34 14.95 -14.53
C ASN A 3 13.91 15.64 -13.21
N ASN A 4 12.61 15.77 -13.08
CA ASN A 4 11.82 16.40 -12.09
C ASN A 4 12.10 16.09 -10.62
N GLY A 5 11.20 16.64 -9.82
CA GLY A 5 11.20 16.37 -8.35
C GLY A 5 9.71 16.39 -7.91
N GLY A 6 9.43 17.29 -6.94
CA GLY A 6 7.99 17.51 -6.62
C GLY A 6 7.76 17.32 -5.13
N ALA A 7 8.28 16.17 -4.69
CA ALA A 7 8.20 15.86 -3.25
C ALA A 7 9.59 15.35 -2.81
N ARG A 8 10.49 16.22 -2.50
CA ARG A 8 11.80 15.91 -1.99
C ARG A 8 11.94 16.18 -0.46
N VAL A 9 12.58 15.32 0.25
CA VAL A 9 12.88 15.21 1.64
C VAL A 9 14.44 15.11 1.79
N VAL A 10 14.98 16.02 2.60
CA VAL A 10 16.42 16.03 2.87
C VAL A 10 16.60 15.75 4.34
N VAL A 11 17.22 14.64 4.66
CA VAL A 11 17.43 14.27 6.05
C VAL A 11 18.86 14.68 6.44
N ILE A 12 19.06 15.57 7.31
CA ILE A 12 20.33 15.97 7.83
C ILE A 12 20.56 15.07 9.05
N GLY A 13 21.52 14.18 8.94
CA GLY A 13 21.86 13.18 9.87
C GLY A 13 21.34 11.80 9.45
N ALA A 14 22.27 11.18 8.68
CA ALA A 14 22.02 9.77 8.29
C ALA A 14 22.60 8.98 9.47
N GLY A 15 21.90 8.71 10.53
CA GLY A 15 22.38 7.90 11.71
C GLY A 15 21.20 7.04 12.05
N PHE A 16 20.90 6.54 13.18
CA PHE A 16 19.83 5.62 13.48
C PHE A 16 18.47 6.12 13.19
N VAL A 17 18.15 7.29 13.56
CA VAL A 17 16.88 7.95 13.35
C VAL A 17 16.76 8.33 11.91
N GLY A 18 17.77 8.84 11.31
CA GLY A 18 17.83 9.37 9.96
C GLY A 18 17.59 8.20 9.02
N ALA A 19 18.43 7.24 9.11
CA ALA A 19 18.51 5.99 8.41
C ALA A 19 17.20 5.20 8.50
N SER A 20 16.63 5.07 9.63
CA SER A 20 15.42 4.25 9.89
C SER A 20 14.21 5.02 9.40
N TYR A 21 14.50 6.32 9.20
CA TYR A 21 13.39 7.26 8.78
C TYR A 21 13.23 7.09 7.27
N VAL A 22 14.36 7.29 6.59
CA VAL A 22 14.53 7.01 5.20
C VAL A 22 13.93 5.60 4.84
N PHE A 23 14.37 4.56 5.54
CA PHE A 23 13.94 3.19 5.25
C PHE A 23 12.44 3.07 5.42
N ALA A 24 11.85 4.01 6.10
CA ALA A 24 10.41 3.98 6.46
C ALA A 24 9.66 4.48 5.28
N LEU A 25 10.14 5.68 4.92
CA LEU A 25 9.59 6.43 3.77
C LEU A 25 9.65 5.45 2.58
N MET A 26 10.79 4.92 2.35
CA MET A 26 11.11 3.97 1.26
C MET A 26 10.16 2.80 1.21
N ASN A 27 10.03 2.17 2.34
CA ASN A 27 9.15 0.99 2.39
C ASN A 27 7.71 1.46 2.43
N GLN A 28 7.40 2.71 2.62
CA GLN A 28 6.00 3.16 2.66
C GLN A 28 5.65 3.79 1.31
N GLY A 29 6.56 4.09 0.44
CA GLY A 29 6.38 4.64 -0.92
C GLY A 29 5.79 6.04 -0.73
N ILE A 30 6.37 6.75 0.29
CA ILE A 30 5.98 8.07 0.65
C ILE A 30 6.69 9.14 -0.18
N ALA A 31 7.97 9.27 -0.31
CA ALA A 31 8.44 10.47 -1.07
C ALA A 31 8.97 10.18 -2.45
N ASP A 32 9.17 11.16 -3.31
CA ASP A 32 9.77 10.84 -4.64
C ASP A 32 11.30 10.69 -4.59
N GLU A 33 11.99 11.76 -4.31
CA GLU A 33 13.40 11.92 -4.14
C GLU A 33 13.65 12.01 -2.66
N ILE A 34 14.70 11.49 -2.11
CA ILE A 34 15.04 11.46 -0.71
C ILE A 34 16.54 11.66 -0.71
N VAL A 35 17.03 12.79 -0.28
CA VAL A 35 18.44 13.19 -0.21
C VAL A 35 18.97 13.16 1.21
N LEU A 36 20.18 12.71 1.35
CA LEU A 36 20.70 12.38 2.75
C LEU A 36 21.97 13.14 2.80
N ILE A 37 22.23 13.91 3.84
CA ILE A 37 23.34 14.80 4.09
C ILE A 37 23.78 14.51 5.53
N ASP A 38 25.07 14.29 5.63
CA ASP A 38 25.59 13.98 7.06
C ASP A 38 26.99 14.60 7.03
N ALA A 39 27.54 15.11 8.09
CA ALA A 39 28.89 15.65 8.04
C ALA A 39 29.97 14.55 8.02
N ASN A 40 29.48 13.32 8.05
CA ASN A 40 30.36 12.14 7.95
C ASN A 40 29.90 11.47 6.65
N GLU A 41 30.27 12.10 5.61
CA GLU A 41 29.84 11.82 4.24
C GLU A 41 30.03 10.38 3.85
N SER A 42 30.96 9.69 4.50
CA SER A 42 31.27 8.28 4.14
C SER A 42 30.09 7.40 4.53
N LYS A 43 29.49 7.67 5.66
CA LYS A 43 28.25 7.13 6.21
C LYS A 43 27.03 7.46 5.32
N ALA A 44 26.85 8.66 4.78
CA ALA A 44 25.66 8.87 3.90
C ALA A 44 25.72 8.17 2.53
N ILE A 45 26.91 8.09 1.98
CA ILE A 45 27.29 7.43 0.74
C ILE A 45 26.92 5.98 0.96
N GLY A 46 27.35 5.45 2.09
CA GLY A 46 27.18 4.04 2.48
C GLY A 46 25.77 3.63 2.68
N ASP A 47 24.95 4.43 3.28
CA ASP A 47 23.53 4.11 3.44
C ASP A 47 22.88 4.35 2.08
N ALA A 48 23.41 5.44 1.40
CA ALA A 48 22.67 5.65 0.09
C ALA A 48 22.85 4.40 -0.76
N MET A 49 23.98 3.65 -0.57
CA MET A 49 24.21 2.52 -1.55
C MET A 49 23.24 1.43 -1.13
N ASP A 50 23.32 1.17 0.12
CA ASP A 50 22.44 0.22 0.80
C ASP A 50 21.01 0.43 0.48
N PHE A 51 20.50 1.62 0.50
CA PHE A 51 19.06 1.89 0.13
C PHE A 51 18.82 1.58 -1.33
N ASN A 52 19.67 2.06 -2.25
CA ASN A 52 19.56 1.84 -3.65
C ASN A 52 19.60 0.37 -4.08
N HIS A 53 20.37 -0.52 -3.45
CA HIS A 53 20.44 -1.90 -3.99
C HIS A 53 19.18 -2.69 -3.82
N GLY A 54 18.37 -2.51 -2.82
CA GLY A 54 17.07 -3.25 -2.71
C GLY A 54 15.81 -2.48 -3.02
N LYS A 55 15.94 -1.29 -3.56
CA LYS A 55 14.94 -0.30 -3.99
C LYS A 55 13.94 -0.95 -4.93
N VAL A 56 14.52 -1.80 -5.78
CA VAL A 56 13.83 -2.51 -6.88
C VAL A 56 12.58 -3.26 -6.44
N PHE A 57 12.67 -3.60 -5.18
CA PHE A 57 11.89 -4.37 -4.29
C PHE A 57 10.74 -3.68 -3.56
N ALA A 58 10.80 -2.37 -3.53
CA ALA A 58 9.77 -1.51 -2.90
C ALA A 58 8.91 -0.94 -4.02
N PRO A 59 8.08 0.04 -3.64
CA PRO A 59 7.29 0.74 -4.68
C PRO A 59 7.75 2.07 -5.20
N LYS A 60 9.01 2.34 -5.48
CA LYS A 60 9.63 3.40 -6.21
C LYS A 60 10.06 4.78 -5.86
N PRO A 61 11.17 5.07 -5.21
CA PRO A 61 11.57 6.44 -4.85
C PRO A 61 12.97 6.57 -5.38
N VAL A 62 13.55 7.70 -5.40
CA VAL A 62 14.95 7.81 -5.84
C VAL A 62 15.71 8.33 -4.62
N ASP A 63 16.86 8.04 -4.26
CA ASP A 63 17.72 8.36 -3.17
C ASP A 63 19.02 8.92 -3.67
N ILE A 64 19.70 9.74 -2.98
CA ILE A 64 20.91 10.45 -3.53
C ILE A 64 21.69 10.70 -2.24
N TRP A 65 22.96 10.65 -2.28
CA TRP A 65 23.78 11.19 -1.17
C TRP A 65 24.20 12.56 -1.70
N ASP A 68 26.15 18.38 -0.65
CA ASP A 68 25.61 19.20 0.39
C ASP A 68 24.21 19.77 0.17
N TYR A 69 24.11 20.94 0.88
CA TYR A 69 22.93 21.73 1.05
C TYR A 69 22.46 22.37 -0.21
N ASP A 70 23.20 22.29 -1.32
CA ASP A 70 22.68 22.94 -2.59
C ASP A 70 21.51 22.02 -2.97
N ASP A 71 21.17 21.08 -2.03
CA ASP A 71 20.10 20.16 -2.38
C ASP A 71 18.76 20.64 -1.85
N CYS A 72 18.84 21.54 -0.92
CA CYS A 72 17.65 22.12 -0.24
C CYS A 72 17.21 23.26 -1.13
N ARG A 73 16.89 22.93 -2.34
CA ARG A 73 16.69 23.82 -3.50
C ARG A 73 15.20 23.97 -3.55
N ASP A 74 14.64 23.00 -4.27
CA ASP A 74 13.14 22.90 -4.28
C ASP A 74 12.75 21.64 -3.46
N ALA A 75 13.48 21.58 -2.36
CA ALA A 75 13.49 20.58 -1.30
C ALA A 75 12.24 20.83 -0.50
N ASP A 76 11.21 20.05 -0.57
CA ASP A 76 9.93 20.25 0.05
C ASP A 76 9.91 20.34 1.58
N LEU A 77 10.67 19.44 2.19
CA LEU A 77 10.80 19.17 3.62
C LEU A 77 12.20 18.75 4.00
N VAL A 78 12.73 19.34 5.07
CA VAL A 78 14.06 19.03 5.63
C VAL A 78 13.95 18.43 7.02
N VAL A 79 14.22 17.16 7.23
CA VAL A 79 14.03 16.53 8.58
C VAL A 79 15.39 16.62 9.25
N ILE A 80 15.53 17.25 10.41
CA ILE A 80 16.87 17.47 11.02
C ILE A 80 16.99 16.56 12.25
N CYS A 81 17.60 15.43 11.99
CA CYS A 81 17.90 14.33 12.82
C CYS A 81 19.31 14.39 13.35
N ALA A 82 20.10 15.41 13.21
CA ALA A 82 21.47 15.52 13.70
C ALA A 82 21.59 16.00 15.13
N GLY A 83 22.79 15.73 15.72
CA GLY A 83 23.14 16.19 17.03
C GLY A 83 23.76 15.35 18.07
N ALA A 84 24.46 16.00 19.01
CA ALA A 84 25.23 15.52 20.09
C ALA A 84 24.55 14.56 21.05
N ASN A 85 25.38 14.31 22.12
CA ASN A 85 24.94 13.29 23.13
C ASN A 85 25.44 13.53 24.55
N ASP A 94 24.28 21.89 28.34
CA ASP A 94 25.52 21.41 27.77
C ASP A 94 25.31 20.48 26.55
N LEU A 95 24.08 20.11 26.26
CA LEU A 95 23.45 19.47 25.15
C LEU A 95 22.83 20.63 24.29
N VAL A 96 21.94 21.22 25.05
CA VAL A 96 21.16 22.33 24.54
C VAL A 96 22.11 23.30 23.87
N ASP A 97 23.26 23.64 24.48
CA ASP A 97 24.05 24.79 23.87
C ASP A 97 25.27 24.23 23.07
N LYS A 98 25.17 23.00 22.75
CA LYS A 98 26.14 22.28 21.98
C LYS A 98 25.45 22.06 20.64
N ASN A 99 24.17 21.71 20.93
CA ASN A 99 23.14 21.37 19.97
C ASN A 99 22.66 22.62 19.28
N ILE A 100 22.28 23.63 20.01
CA ILE A 100 21.95 24.91 19.38
C ILE A 100 23.09 25.38 18.53
N ALA A 101 24.27 24.79 18.78
CA ALA A 101 25.56 25.29 18.15
C ALA A 101 25.72 24.58 16.86
N ILE A 102 25.39 23.30 16.94
CA ILE A 102 25.42 22.38 15.75
C ILE A 102 24.34 22.91 14.82
N PHE A 103 23.14 23.08 15.36
CA PHE A 103 21.96 23.55 14.67
C PHE A 103 22.20 24.92 14.02
N ARG A 104 22.94 25.71 14.84
CA ARG A 104 23.21 27.08 14.30
C ARG A 104 23.85 26.90 12.95
N SER A 105 24.60 25.81 12.76
CA SER A 105 25.17 25.68 11.32
C SER A 105 24.28 24.99 10.35
N ILE A 106 23.43 24.07 10.79
CA ILE A 106 22.65 23.29 9.79
C ILE A 106 21.72 24.26 9.12
N VAL A 107 20.99 25.00 9.94
CA VAL A 107 19.95 25.94 9.42
C VAL A 107 20.54 27.04 8.58
N GLU A 108 21.68 27.57 9.03
CA GLU A 108 22.28 28.72 8.30
C GLU A 108 22.49 28.28 6.89
N SER A 109 23.05 27.08 6.73
CA SER A 109 23.33 26.48 5.40
C SER A 109 22.20 25.93 4.58
N VAL A 110 21.09 25.56 5.08
CA VAL A 110 20.01 25.04 4.21
C VAL A 110 19.37 26.34 3.66
N MET A 111 19.68 27.36 4.47
CA MET A 111 18.91 28.64 4.17
C MET A 111 19.66 29.27 3.00
N ALA A 112 20.96 29.31 3.11
CA ALA A 112 21.82 29.78 2.02
C ALA A 112 21.32 29.35 0.64
N SER A 113 20.82 28.20 0.42
CA SER A 113 20.38 27.82 -0.95
C SER A 113 18.96 28.32 -1.08
N GLY A 114 18.58 29.28 -0.29
CA GLY A 114 17.25 29.87 -0.39
C GLY A 114 16.16 28.84 -0.34
N PHE A 115 16.04 28.18 0.78
CA PHE A 115 15.02 27.14 1.06
C PHE A 115 13.70 27.85 1.28
N GLN A 116 12.57 27.36 0.85
CA GLN A 116 11.24 27.79 0.93
C GLN A 116 10.38 26.87 1.79
N GLY A 117 10.86 25.68 2.05
CA GLY A 117 10.21 24.59 2.64
C GLY A 117 9.82 24.64 4.04
N LEU A 118 9.80 23.46 4.61
CA LEU A 118 9.39 23.16 5.99
C LEU A 118 10.51 22.48 6.76
N PHE A 119 10.65 22.79 8.04
CA PHE A 119 11.64 22.07 8.88
C PHE A 119 11.02 21.01 9.72
N LEU A 120 11.56 19.77 9.73
CA LEU A 120 10.91 18.80 10.81
C LEU A 120 12.12 18.35 11.63
N VAL A 121 12.01 18.82 12.88
CA VAL A 121 13.17 18.60 13.83
C VAL A 121 12.84 17.43 14.77
N ALA A 122 13.76 16.42 14.59
CA ALA A 122 13.65 15.27 15.48
C ALA A 122 14.69 15.29 16.62
N THR A 123 15.59 16.12 16.84
CA THR A 123 16.67 15.93 17.80
C THR A 123 16.38 16.36 19.17
N ASN A 124 16.50 15.44 20.17
CA ASN A 124 16.32 15.98 21.63
C ASN A 124 17.40 17.06 21.82
N PRO A 125 17.18 18.03 22.67
CA PRO A 125 15.98 18.19 23.49
C PRO A 125 15.09 18.87 22.49
N VAL A 126 14.21 18.33 21.75
CA VAL A 126 13.46 18.93 20.68
C VAL A 126 12.64 20.15 20.84
N ASP A 127 11.82 20.27 21.91
CA ASP A 127 10.87 21.49 21.94
C ASP A 127 11.82 22.65 21.97
N ILE A 128 13.01 22.47 22.53
CA ILE A 128 13.95 23.54 22.57
C ILE A 128 14.66 23.79 21.24
N LEU A 129 15.09 22.65 20.64
CA LEU A 129 15.81 22.83 19.35
C LEU A 129 14.83 23.25 18.26
N THR A 130 13.54 23.12 18.55
CA THR A 130 12.56 23.41 17.50
C THR A 130 12.38 24.91 17.49
N TYR A 131 12.53 25.47 18.66
CA TYR A 131 12.34 26.97 18.82
C TYR A 131 13.52 27.66 18.18
N ALA A 132 14.68 27.01 18.32
CA ALA A 132 15.95 27.55 17.88
C ALA A 132 16.00 27.51 16.40
N THR A 133 15.35 26.41 15.92
CA THR A 133 15.38 26.26 14.40
C THR A 133 14.60 27.43 13.84
N TRP A 134 13.56 27.82 14.55
CA TRP A 134 12.65 28.87 14.06
C TRP A 134 13.43 30.16 14.17
N LYS A 135 14.02 30.48 15.27
CA LYS A 135 14.88 31.64 15.47
C LYS A 135 16.03 31.70 14.49
N PHE A 136 16.63 30.60 14.08
CA PHE A 136 17.75 30.63 13.15
C PHE A 136 17.35 30.69 11.69
N SER A 137 16.18 30.35 11.28
CA SER A 137 15.92 30.35 9.81
C SER A 137 15.26 31.62 9.34
N GLY A 138 14.30 32.12 10.06
CA GLY A 138 13.55 33.35 9.65
C GLY A 138 12.03 32.96 9.71
N LEU A 139 11.76 31.91 9.03
CA LEU A 139 10.49 31.37 8.72
C LEU A 139 9.39 31.58 9.73
N PRO A 140 8.20 31.86 9.17
CA PRO A 140 7.01 31.86 9.97
C PRO A 140 7.10 30.52 10.72
N HIS A 141 6.59 30.54 11.94
CA HIS A 141 6.57 29.47 12.91
C HIS A 141 5.55 28.40 12.52
N GLU A 142 5.00 28.40 11.33
CA GLU A 142 3.97 27.41 11.04
C GLU A 142 4.67 26.43 10.08
N ARG A 143 5.87 26.88 9.78
CA ARG A 143 6.68 26.18 8.76
C ARG A 143 7.83 25.43 9.43
N VAL A 144 7.98 25.55 10.77
CA VAL A 144 8.96 24.89 11.59
C VAL A 144 8.26 24.03 12.69
N ILE A 145 8.38 22.72 12.41
CA ILE A 145 7.62 21.73 13.16
C ILE A 145 8.69 20.95 13.95
N GLY A 146 8.31 20.40 14.99
CA GLY A 146 8.99 19.63 15.95
C GLY A 146 8.30 18.25 16.19
N SER A 147 9.14 17.27 16.39
CA SER A 147 8.74 15.87 16.52
C SER A 147 7.71 15.69 17.57
N GLY A 148 7.78 16.46 18.64
CA GLY A 148 7.04 16.61 19.87
C GLY A 148 6.66 15.44 20.66
N THR A 149 5.47 15.39 21.24
CA THR A 149 4.93 14.30 21.98
C THR A 149 4.22 13.28 21.05
N ILE A 150 4.48 13.32 19.79
CA ILE A 150 4.00 12.38 18.81
C ILE A 150 4.28 10.94 19.16
N LEU A 151 5.28 10.56 19.81
CA LEU A 151 5.64 9.10 19.93
C LEU A 151 5.18 8.74 21.31
N ASP A 152 5.12 9.81 22.06
CA ASP A 152 4.68 9.70 23.48
C ASP A 152 3.22 9.22 23.47
N THR A 153 2.39 9.84 22.59
CA THR A 153 0.95 9.56 22.53
C THR A 153 0.75 8.34 21.73
N ALA A 154 1.71 7.94 20.91
CA ALA A 154 1.71 6.60 20.27
C ALA A 154 1.98 5.61 21.40
N ARG A 155 3.00 5.84 22.24
CA ARG A 155 3.31 4.82 23.28
C ARG A 155 2.04 4.64 24.07
N PHE A 156 1.42 5.71 24.43
CA PHE A 156 0.23 5.88 25.28
C PHE A 156 -0.86 5.02 24.64
N ARG A 157 -1.35 5.39 23.50
CA ARG A 157 -2.33 4.69 22.72
C ARG A 157 -2.03 3.23 22.45
N PHE A 158 -0.85 2.77 22.35
CA PHE A 158 -0.45 1.37 22.28
C PHE A 158 -0.75 0.72 23.65
N LEU A 159 -0.16 1.01 24.76
CA LEU A 159 -0.48 0.48 26.06
C LEU A 159 -1.96 0.52 26.41
N LEU A 160 -2.69 1.59 26.18
CA LEU A 160 -4.14 1.57 26.57
C LEU A 160 -4.86 0.58 25.63
N GLY A 161 -4.52 0.66 24.35
CA GLY A 161 -5.03 -0.20 23.32
C GLY A 161 -4.85 -1.66 23.68
N GLU A 162 -3.85 -1.96 24.45
CA GLU A 162 -3.50 -3.34 24.88
C GLU A 162 -4.27 -3.76 26.11
N TYR A 163 -4.52 -2.80 26.94
CA TYR A 163 -5.31 -2.88 28.18
C TYR A 163 -6.75 -3.26 27.84
N PHE A 164 -7.42 -2.53 27.04
CA PHE A 164 -8.78 -2.78 26.56
C PHE A 164 -8.82 -3.84 25.47
N SER A 165 -7.67 -4.22 25.08
CA SER A 165 -7.45 -5.17 24.00
C SER A 165 -8.16 -4.67 22.74
N VAL A 166 -8.18 -3.35 22.51
CA VAL A 166 -8.76 -2.88 21.21
C VAL A 166 -7.60 -2.51 20.31
N ALA A 167 -7.79 -1.70 19.34
CA ALA A 167 -6.70 -1.41 18.35
C ALA A 167 -6.33 0.03 18.61
N PRO A 168 -5.02 0.24 18.83
CA PRO A 168 -4.53 1.56 19.21
C PRO A 168 -5.17 2.68 18.44
N GLN A 169 -5.61 2.40 17.22
CA GLN A 169 -6.18 3.44 16.29
C GLN A 169 -7.60 3.84 16.61
N ASN A 170 -8.24 3.22 17.51
CA ASN A 170 -9.53 3.45 18.10
C ASN A 170 -9.26 4.13 19.47
N VAL A 171 -8.16 3.95 20.15
CA VAL A 171 -7.90 4.80 21.35
C VAL A 171 -7.67 6.28 20.97
N HIS A 172 -8.34 7.20 21.61
CA HIS A 172 -8.04 8.63 21.30
C HIS A 172 -7.60 9.26 22.61
N ALA A 173 -6.30 9.44 22.80
CA ALA A 173 -5.74 9.95 24.05
C ALA A 173 -4.37 10.58 23.70
N TYR A 174 -4.16 11.78 24.18
CA TYR A 174 -3.02 12.61 24.00
C TYR A 174 -2.06 12.69 25.20
N ILE A 175 -0.78 12.89 24.90
CA ILE A 175 0.29 13.33 25.84
C ILE A 175 0.79 14.69 25.35
N ILE A 176 0.70 15.71 26.16
CA ILE A 176 1.05 17.13 25.73
C ILE A 176 2.04 17.67 26.73
N GLY A 177 2.66 18.76 26.48
CA GLY A 177 3.68 19.38 27.39
C GLY A 177 5.04 19.16 26.80
N GLU A 178 6.08 18.90 27.59
CA GLU A 178 7.42 18.74 27.04
C GLU A 178 7.74 17.30 26.80
N HIS A 179 8.53 17.14 25.69
CA HIS A 179 8.88 15.75 25.26
C HIS A 179 9.90 15.29 26.31
N GLY A 180 9.46 14.81 27.48
CA GLY A 180 10.47 14.54 28.47
C GLY A 180 9.80 14.27 29.77
N ASP A 181 10.41 14.72 30.83
CA ASP A 181 9.90 14.48 32.19
C ASP A 181 8.59 15.14 32.54
N THR A 182 8.39 16.36 32.08
CA THR A 182 7.26 17.15 32.45
C THR A 182 6.00 16.93 31.67
N GLU A 183 6.05 16.08 30.69
CA GLU A 183 4.84 15.87 29.82
C GLU A 183 3.78 15.36 30.74
N LEU A 184 2.55 15.62 30.49
CA LEU A 184 1.41 15.11 31.30
C LEU A 184 0.49 14.50 30.29
N PRO A 185 -0.35 13.58 30.67
CA PRO A 185 -1.37 13.03 29.84
C PRO A 185 -2.62 13.83 30.09
N VAL A 186 -3.47 13.90 29.10
CA VAL A 186 -4.77 14.59 29.09
C VAL A 186 -5.82 13.48 29.28
N TRP A 187 -5.98 13.16 30.58
CA TRP A 187 -6.85 12.17 31.11
C TRP A 187 -8.31 12.51 30.92
N SER A 188 -8.69 13.74 31.08
CA SER A 188 -10.11 14.13 31.03
C SER A 188 -10.65 14.00 29.64
N GLN A 189 -9.96 14.07 28.55
CA GLN A 189 -10.49 13.92 27.22
C GLN A 189 -9.73 12.79 26.44
N ALA A 190 -9.82 11.62 27.08
CA ALA A 190 -9.23 10.39 26.54
C ALA A 190 -10.37 9.42 26.31
N TYR A 191 -10.67 9.07 25.11
CA TYR A 191 -11.82 8.18 24.83
C TYR A 191 -11.34 6.89 24.20
N ILE A 192 -12.18 5.93 24.13
CA ILE A 192 -11.92 4.63 23.40
C ILE A 192 -13.13 4.53 22.49
N GLY A 193 -12.96 4.88 21.22
CA GLY A 193 -14.19 5.05 20.36
C GLY A 193 -14.72 6.41 20.86
N VAL A 194 -15.87 6.50 21.44
CA VAL A 194 -16.47 7.77 21.89
C VAL A 194 -16.85 7.58 23.35
N MET A 195 -16.32 6.50 23.90
CA MET A 195 -16.64 6.17 25.32
C MET A 195 -15.44 6.55 26.15
N PRO A 196 -15.57 7.59 26.94
CA PRO A 196 -14.55 8.00 27.89
C PRO A 196 -14.08 6.82 28.69
N ILE A 197 -13.06 6.98 29.48
CA ILE A 197 -12.66 5.98 30.53
C ILE A 197 -13.15 6.53 31.89
N ASP A 211 -4.00 -0.56 37.00
CA ASP A 211 -3.91 0.88 36.96
C ASP A 211 -3.47 1.46 35.59
N LEU A 212 -3.99 2.67 35.34
CA LEU A 212 -3.80 3.54 34.29
C LEU A 212 -2.81 4.60 34.82
N GLU A 213 -2.65 4.85 36.08
CA GLU A 213 -1.56 5.88 36.36
C GLU A 213 -0.20 5.26 36.19
N ARG A 214 -0.14 3.99 36.07
CA ARG A 214 0.99 3.07 35.93
C ARG A 214 1.35 3.13 34.47
N ILE A 215 0.36 2.76 33.63
CA ILE A 215 0.51 2.89 32.18
C ILE A 215 1.24 4.18 31.78
N PHE A 216 0.80 5.30 32.28
CA PHE A 216 1.38 6.60 32.02
C PHE A 216 2.81 6.64 32.61
N VAL A 217 3.16 6.06 33.69
CA VAL A 217 4.52 6.10 34.25
C VAL A 217 5.40 5.26 33.34
N ASN A 218 4.90 4.27 32.69
CA ASN A 218 5.61 3.45 31.70
C ASN A 218 5.65 4.20 30.39
N VAL A 219 4.68 5.05 30.11
CA VAL A 219 4.82 5.86 28.87
C VAL A 219 5.97 6.88 28.95
N ARG A 220 6.33 7.38 30.08
CA ARG A 220 7.23 8.47 30.34
C ARG A 220 8.64 7.99 30.67
N ASP A 221 8.77 6.84 31.31
CA ASP A 221 10.10 6.26 31.52
C ASP A 221 10.25 5.24 30.40
N ALA A 222 9.82 5.45 29.17
CA ALA A 222 9.89 4.38 28.15
C ALA A 222 11.19 4.31 27.37
N ALA A 223 11.80 5.42 27.14
CA ALA A 223 13.03 5.69 26.43
C ALA A 223 14.19 5.02 27.16
N TYR A 224 14.27 5.43 28.45
CA TYR A 224 15.22 4.95 29.45
C TYR A 224 15.14 3.42 29.52
N GLN A 225 13.89 2.98 29.37
CA GLN A 225 13.59 1.55 29.45
C GLN A 225 14.02 0.82 28.22
N ILE A 226 13.98 1.43 27.04
CA ILE A 226 14.34 0.65 25.82
C ILE A 226 15.79 0.85 25.59
N ILE A 227 16.32 1.92 26.15
CA ILE A 227 17.72 2.39 25.97
C ILE A 227 18.68 1.53 26.78
N GLU A 228 18.11 1.12 27.91
CA GLU A 228 18.82 0.30 28.86
C GLU A 228 19.00 -1.08 28.27
N LYS A 229 18.14 -1.55 27.38
CA LYS A 229 18.25 -2.95 26.91
C LYS A 229 18.70 -3.11 25.46
N LYS A 230 18.97 -2.04 24.75
CA LYS A 230 19.36 -2.09 23.35
C LYS A 230 20.13 -0.86 22.96
N GLY A 231 20.54 -0.08 23.98
CA GLY A 231 21.35 1.10 23.79
C GLY A 231 20.68 2.28 23.24
N ALA A 232 19.62 2.20 22.40
CA ALA A 232 19.07 3.51 21.88
C ALA A 232 17.73 3.31 21.24
N THR A 233 16.90 4.38 21.23
CA THR A 233 15.66 4.40 20.53
C THR A 233 15.79 5.00 19.10
N TYR A 234 15.04 4.36 18.18
CA TYR A 234 15.05 4.86 16.78
C TYR A 234 13.90 4.37 15.95
N TYR A 235 13.41 3.20 15.91
CA TYR A 235 12.23 2.78 15.08
C TYR A 235 10.97 3.53 15.51
N GLY A 236 10.69 3.50 16.80
CA GLY A 236 9.59 4.26 17.40
C GLY A 236 9.36 5.58 16.66
N ILE A 237 10.25 6.47 16.98
CA ILE A 237 10.18 7.81 16.36
C ILE A 237 10.09 7.81 14.86
N ALA A 238 11.00 7.27 14.08
CA ALA A 238 10.97 7.31 12.60
C ALA A 238 9.57 7.09 12.13
N MET A 239 8.90 6.12 12.73
CA MET A 239 7.53 5.76 12.31
C MET A 239 6.71 7.03 12.52
N GLY A 240 6.91 7.67 13.64
CA GLY A 240 6.21 8.93 14.03
C GLY A 240 6.58 10.06 13.11
N LEU A 241 7.74 10.05 12.56
CA LEU A 241 8.38 11.02 11.69
C LEU A 241 7.90 10.77 10.29
N ALA A 242 7.54 9.50 10.03
CA ALA A 242 6.99 9.11 8.74
C ALA A 242 5.54 9.55 8.65
N ARG A 243 4.70 9.61 9.64
CA ARG A 243 3.34 10.08 9.67
C ARG A 243 3.18 11.58 9.45
N VAL A 244 3.78 12.47 10.26
CA VAL A 244 3.82 13.91 10.04
C VAL A 244 4.27 14.18 8.58
N THR A 245 5.24 13.39 8.09
CA THR A 245 5.67 13.59 6.70
C THR A 245 4.45 13.28 5.84
N ARG A 246 3.77 12.20 6.16
CA ARG A 246 2.60 11.86 5.40
C ARG A 246 1.65 13.09 5.41
N ALA A 247 1.35 13.63 6.61
CA ALA A 247 0.42 14.71 6.77
C ALA A 247 0.85 15.85 5.91
N ILE A 248 2.07 16.14 5.84
CA ILE A 248 2.54 17.36 5.08
C ILE A 248 2.33 17.04 3.63
N LEU A 249 3.00 15.91 3.24
CA LEU A 249 3.18 15.73 1.76
C LEU A 249 1.87 15.53 1.05
N HIS A 250 0.87 14.99 1.71
CA HIS A 250 -0.45 14.71 1.24
C HIS A 250 -1.50 15.70 1.72
N ASN A 251 -1.22 16.83 2.28
CA ASN A 251 -2.28 17.78 2.72
C ASN A 251 -3.33 17.11 3.64
N GLU A 252 -2.94 16.38 4.66
CA GLU A 252 -3.98 15.59 5.34
C GLU A 252 -4.97 16.47 6.05
N ASN A 253 -4.51 17.37 6.83
CA ASN A 253 -5.31 18.16 7.78
C ASN A 253 -5.46 17.20 8.99
N ALA A 254 -4.32 16.57 9.26
CA ALA A 254 -4.35 15.62 10.39
C ALA A 254 -4.22 16.27 11.75
N ILE A 255 -4.97 15.73 12.76
CA ILE A 255 -4.70 16.23 14.10
C ILE A 255 -3.66 15.27 14.75
N LEU A 256 -2.45 15.76 14.78
CA LEU A 256 -1.24 15.16 15.31
C LEU A 256 -0.69 15.88 16.52
N THR A 257 -0.27 15.22 17.56
CA THR A 257 0.28 16.10 18.69
C THR A 257 1.71 16.48 18.55
N VAL A 258 2.16 17.44 17.80
CA VAL A 258 3.48 17.91 17.55
C VAL A 258 3.95 18.99 18.53
N SER A 259 5.10 19.62 18.25
CA SER A 259 5.78 20.68 18.91
C SER A 259 5.49 21.96 18.04
N ALA A 260 4.45 22.65 18.41
CA ALA A 260 3.90 23.81 17.79
C ALA A 260 4.30 24.98 18.72
N TYR A 261 4.33 26.20 18.20
CA TYR A 261 4.61 27.42 18.87
C TYR A 261 3.36 28.02 19.45
N LEU A 262 3.36 28.31 20.74
CA LEU A 262 2.20 28.86 21.43
C LEU A 262 2.20 30.38 21.41
N ASP A 263 1.19 30.96 20.90
CA ASP A 263 0.40 32.03 20.51
C ASP A 263 -0.31 32.87 21.59
N GLY A 264 -0.46 32.22 22.75
CA GLY A 264 -1.33 32.77 23.81
C GLY A 264 -2.51 31.80 23.79
N LEU A 265 -2.16 30.54 23.47
CA LEU A 265 -3.20 29.53 23.34
C LEU A 265 -3.28 28.79 24.64
N TYR A 266 -2.35 28.16 25.17
CA TYR A 266 -2.83 27.38 26.43
C TYR A 266 -2.68 28.36 27.56
N GLY A 267 -2.47 29.59 27.19
CA GLY A 267 -2.07 30.53 28.34
C GLY A 267 -0.61 30.89 28.00
N GLU A 268 0.18 30.35 27.14
CA GLU A 268 1.55 30.67 26.99
C GLU A 268 1.90 31.58 25.84
N ARG A 269 3.05 32.33 25.92
CA ARG A 269 3.25 33.34 24.89
C ARG A 269 4.53 33.16 24.14
N ASP A 270 5.43 32.30 24.35
CA ASP A 270 6.65 32.33 23.44
C ASP A 270 7.53 31.13 23.86
N VAL A 271 7.19 29.98 23.35
CA VAL A 271 7.67 28.69 23.65
C VAL A 271 7.18 27.81 22.50
N TYR A 272 7.85 26.67 22.37
CA TYR A 272 7.38 25.63 21.39
C TYR A 272 7.07 24.49 22.33
N ILE A 273 5.95 23.89 22.40
CA ILE A 273 5.69 22.74 23.29
C ILE A 273 4.81 21.78 22.53
N GLY A 274 4.54 20.62 23.00
CA GLY A 274 3.85 19.49 22.42
C GLY A 274 2.36 19.72 22.59
N VAL A 275 1.68 19.83 21.47
CA VAL A 275 0.24 20.19 21.57
C VAL A 275 -0.54 19.77 20.35
N PRO A 276 -1.83 19.48 20.39
CA PRO A 276 -2.59 19.02 19.23
C PRO A 276 -2.53 20.01 18.09
N ALA A 277 -1.94 19.77 16.93
CA ALA A 277 -2.00 20.88 15.91
C ALA A 277 -2.56 20.19 14.68
N VAL A 278 -3.09 20.89 13.73
CA VAL A 278 -3.69 20.32 12.53
C VAL A 278 -2.63 20.34 11.44
N ILE A 279 -2.29 19.26 10.76
CA ILE A 279 -1.12 19.33 9.84
C ILE A 279 -1.49 19.31 8.40
N ASN A 280 -0.72 19.88 7.50
CA ASN A 280 -1.21 19.80 6.07
C ASN A 280 -0.08 20.37 5.28
N ARG A 281 -0.04 20.40 3.98
CA ARG A 281 1.05 20.73 3.12
C ARG A 281 1.79 21.98 3.41
N ASN A 282 1.14 22.97 3.89
CA ASN A 282 1.78 24.27 4.16
C ASN A 282 2.09 24.42 5.64
N GLY A 283 2.47 23.42 6.38
CA GLY A 283 2.98 23.48 7.73
C GLY A 283 1.97 23.35 8.76
N ILE A 284 1.91 23.98 9.89
CA ILE A 284 0.77 23.86 10.87
C ILE A 284 -0.35 24.73 10.45
N ARG A 285 -1.58 24.34 10.59
CA ARG A 285 -2.76 25.12 10.20
C ARG A 285 -3.17 25.94 11.40
N GLU A 286 -3.32 25.13 12.46
CA GLU A 286 -3.86 25.78 13.70
C GLU A 286 -3.68 24.87 14.84
N VAL A 287 -3.31 25.40 15.98
CA VAL A 287 -3.10 24.63 17.26
C VAL A 287 -4.43 24.44 17.93
N ILE A 288 -4.91 23.37 18.34
CA ILE A 288 -6.19 23.24 19.02
C ILE A 288 -5.99 23.47 20.55
N GLU A 289 -6.93 24.12 21.20
CA GLU A 289 -6.95 24.14 22.64
C GLU A 289 -7.88 23.07 23.21
N ILE A 290 -7.49 21.85 23.36
CA ILE A 290 -8.41 20.89 24.10
C ILE A 290 -8.72 21.57 25.40
N GLU A 291 -9.86 21.38 26.00
CA GLU A 291 -10.23 21.94 27.35
C GLU A 291 -9.71 21.09 28.51
N LEU A 292 -8.83 21.69 29.29
CA LEU A 292 -8.07 21.00 30.31
C LEU A 292 -8.70 21.15 31.69
N ASN A 293 -8.50 20.03 32.37
CA ASN A 293 -9.00 19.83 33.76
C ASN A 293 -8.33 20.98 34.46
N ASP A 294 -8.04 20.74 35.72
CA ASP A 294 -7.23 21.80 36.46
C ASP A 294 -5.83 21.13 36.37
N ASP A 295 -5.65 20.46 35.17
CA ASP A 295 -4.44 19.73 34.70
C ASP A 295 -3.76 20.72 33.72
N GLU A 296 -4.18 21.91 33.96
CA GLU A 296 -3.88 23.19 33.36
C GLU A 296 -2.63 23.82 34.00
N LYS A 297 -2.79 25.12 34.13
CA LYS A 297 -1.74 26.05 34.69
C LYS A 297 -1.25 25.36 35.96
N ASN A 298 -0.88 24.09 35.64
CA ASN A 298 -0.32 23.23 36.65
C ASN A 298 0.64 22.22 36.08
N ARG A 299 0.15 21.32 35.27
CA ARG A 299 1.08 20.32 34.66
C ARG A 299 1.60 21.01 33.40
N PHE A 300 0.72 21.54 32.57
CA PHE A 300 1.06 22.21 31.33
C PHE A 300 1.76 23.54 31.56
N HIS A 301 1.30 24.22 32.61
CA HIS A 301 1.97 25.55 32.89
C HIS A 301 3.39 25.35 33.35
N HIS A 302 3.49 24.25 34.16
CA HIS A 302 4.72 23.81 34.83
C HIS A 302 5.75 23.48 33.77
N SER A 303 5.32 22.67 32.83
CA SER A 303 5.96 22.14 31.66
C SER A 303 6.40 23.30 30.78
N ALA A 304 5.41 24.10 30.36
CA ALA A 304 5.76 25.31 29.56
C ALA A 304 6.84 26.11 30.27
N ALA A 305 6.76 26.22 31.56
CA ALA A 305 7.68 27.05 32.37
C ALA A 305 9.06 26.45 32.38
N THR A 306 9.19 25.15 32.55
CA THR A 306 10.44 24.44 32.56
C THR A 306 11.29 24.73 31.31
N LEU A 307 10.56 24.80 30.17
CA LEU A 307 11.18 25.04 28.89
C LEU A 307 11.44 26.52 28.66
N LYS A 308 10.53 27.33 29.14
CA LYS A 308 10.46 28.77 28.73
C LYS A 308 11.70 29.43 29.21
N SER A 309 12.31 28.66 30.10
CA SER A 309 13.46 29.15 30.88
C SER A 309 14.79 28.55 30.50
N VAL A 310 14.79 27.32 29.92
CA VAL A 310 15.97 26.72 29.35
C VAL A 310 16.30 27.64 28.14
N LEU A 311 15.30 28.32 27.64
CA LEU A 311 15.52 29.15 26.41
C LEU A 311 16.24 30.42 26.82
N ALA A 312 16.21 30.69 28.12
CA ALA A 312 16.80 32.06 28.58
C ALA A 312 18.14 31.69 29.18
N ARG A 313 18.12 30.64 29.98
CA ARG A 313 19.33 29.99 30.49
C ARG A 313 20.27 29.57 29.36
N ALA A 314 19.75 28.94 28.33
CA ALA A 314 20.45 28.48 27.11
C ALA A 314 20.63 29.58 26.03
N PHE A 315 21.08 29.14 24.86
CA PHE A 315 21.22 29.97 23.66
C PHE A 315 22.66 30.22 23.23
N THR A 316 23.10 31.41 23.56
CA THR A 316 24.46 31.96 23.40
C THR A 316 25.31 31.34 22.34
N ARG A 317 26.47 30.75 22.65
CA ARG A 317 27.25 30.02 21.63
C ARG A 317 26.62 28.59 21.48
N MET B 1 -0.74 28.82 2.32
CA MET B 1 -1.31 29.54 1.13
C MET B 1 -2.82 29.33 1.15
N LYS B 2 -3.37 28.81 0.08
CA LYS B 2 -4.83 28.47 0.05
C LYS B 2 -4.81 26.99 0.42
N ASN B 3 -5.53 26.20 -0.31
CA ASN B 3 -5.43 24.71 -0.09
C ASN B 3 -4.97 24.21 -1.48
N ASN B 4 -3.75 23.73 -1.47
CA ASN B 4 -2.91 23.24 -2.53
C ASN B 4 -3.49 22.23 -3.51
N GLY B 5 -2.57 21.76 -4.33
CA GLY B 5 -2.88 20.66 -5.30
C GLY B 5 -1.57 19.84 -5.44
N GLY B 6 -1.12 19.74 -6.70
CA GLY B 6 0.24 19.16 -6.89
C GLY B 6 0.18 18.01 -7.90
N ALA B 7 -0.80 17.14 -7.59
CA ALA B 7 -1.03 16.01 -8.50
C ALA B 7 -2.56 15.92 -8.71
N ARG B 8 -3.10 16.66 -9.62
CA ARG B 8 -4.50 16.63 -10.00
C ARG B 8 -4.73 15.92 -11.37
N VAL B 9 -5.75 15.12 -11.48
CA VAL B 9 -6.25 14.32 -12.53
C VAL B 9 -7.73 14.73 -12.79
N VAL B 10 -8.00 15.07 -14.06
CA VAL B 10 -9.34 15.46 -14.47
C VAL B 10 -9.82 14.41 -15.46
N VAL B 11 -10.86 13.69 -15.11
CA VAL B 11 -11.38 12.66 -15.97
C VAL B 11 -12.58 13.25 -16.73
N ILE B 12 -12.56 13.39 -17.98
CA ILE B 12 -13.64 13.82 -18.82
C ILE B 12 -14.36 12.54 -19.22
N GLY B 13 -15.56 12.35 -18.72
CA GLY B 13 -16.37 11.22 -18.87
C GLY B 13 -16.37 10.34 -17.61
N ALA B 14 -17.34 10.74 -16.77
CA ALA B 14 -17.60 9.92 -15.55
C ALA B 14 -18.59 8.86 -16.05
N GLY B 15 -18.21 7.75 -16.60
CA GLY B 15 -19.11 6.66 -17.07
C GLY B 15 -18.40 5.42 -16.64
N PHE B 16 -18.48 4.25 -17.16
CA PHE B 16 -17.89 3.03 -16.67
C PHE B 16 -16.41 3.03 -16.57
N VAL B 17 -15.73 3.49 -17.53
CA VAL B 17 -14.29 3.58 -17.60
C VAL B 17 -13.84 4.69 -16.71
N GLY B 18 -14.48 5.80 -16.71
CA GLY B 18 -14.14 7.03 -16.01
C GLY B 18 -14.23 6.72 -14.52
N ALA B 19 -15.39 6.31 -14.10
CA ALA B 19 -15.83 5.92 -12.80
C ALA B 19 -14.95 4.82 -12.20
N SER B 20 -14.64 3.81 -12.91
CA SER B 20 -13.87 2.63 -12.43
C SER B 20 -12.40 3.01 -12.36
N TYR B 21 -12.14 4.14 -13.05
CA TYR B 21 -10.72 4.62 -13.16
C TYR B 21 -10.43 5.38 -11.86
N VAL B 22 -11.30 6.37 -11.61
CA VAL B 22 -11.36 7.11 -10.40
C VAL B 22 -11.29 6.13 -9.18
N PHE B 23 -12.19 5.15 -9.12
CA PHE B 23 -12.27 4.23 -7.99
C PHE B 23 -10.97 3.47 -7.83
N ALA B 24 -10.17 3.47 -8.86
CA ALA B 24 -8.92 2.68 -8.91
C ALA B 24 -7.87 3.47 -8.21
N LEU B 25 -7.80 4.70 -8.74
CA LEU B 25 -6.86 5.72 -8.24
C LEU B 25 -7.12 5.80 -6.73
N MET B 26 -8.33 6.02 -6.38
CA MET B 26 -8.83 6.16 -5.00
C MET B 26 -8.40 5.03 -4.09
N ASN B 27 -8.68 3.84 -4.55
CA ASN B 27 -8.33 2.67 -3.74
C ASN B 27 -6.84 2.42 -3.86
N GLN B 28 -6.10 3.04 -4.74
CA GLN B 28 -4.66 2.81 -4.86
C GLN B 28 -3.92 3.92 -4.16
N GLY B 29 -4.51 5.02 -3.80
CA GLY B 29 -3.95 6.17 -3.08
C GLY B 29 -2.90 6.78 -4.01
N ILE B 30 -3.30 6.87 -5.31
CA ILE B 30 -2.50 7.41 -6.35
C ILE B 30 -2.62 8.93 -6.48
N ALA B 31 -3.74 9.58 -6.63
CA ALA B 31 -3.61 11.05 -6.86
C ALA B 31 -4.01 11.90 -5.69
N ASP B 32 -3.70 13.19 -5.67
CA ASP B 32 -4.19 14.03 -4.53
C ASP B 32 -5.65 14.46 -4.68
N GLU B 33 -5.92 15.30 -5.66
CA GLU B 33 -7.16 15.84 -6.09
C GLU B 33 -7.57 15.07 -7.33
N ILE B 34 -8.80 14.78 -7.58
CA ILE B 34 -9.32 14.01 -8.68
C ILE B 34 -10.62 14.72 -9.02
N VAL B 35 -10.69 15.41 -10.12
CA VAL B 35 -11.85 16.18 -10.62
C VAL B 35 -12.54 15.48 -11.77
N LEU B 36 -13.84 15.54 -11.77
CA LEU B 36 -14.62 14.65 -12.71
C LEU B 36 -15.51 15.62 -13.41
N ILE B 37 -15.60 15.60 -14.72
CA ILE B 37 -16.32 16.48 -15.63
C ILE B 37 -17.03 15.56 -16.60
N ASP B 38 -18.31 15.84 -16.73
CA ASP B 38 -19.09 14.93 -17.72
C ASP B 38 -20.13 15.90 -18.27
N ALA B 39 -20.60 15.81 -19.49
CA ALA B 39 -21.62 16.72 -19.98
C ALA B 39 -23.01 16.39 -19.42
N ASN B 40 -23.05 15.35 -18.61
CA ASN B 40 -24.28 14.92 -17.93
C ASN B 40 -23.93 15.11 -16.45
N GLU B 41 -23.89 16.31 -16.08
CA GLU B 41 -23.41 16.81 -14.80
C GLU B 41 -24.07 16.14 -13.62
N SER B 42 -25.27 15.62 -13.83
CA SER B 42 -26.04 14.99 -12.71
C SER B 42 -25.35 13.69 -12.31
N LYS B 43 -24.86 12.94 -13.26
CA LYS B 43 -24.01 11.77 -13.18
C LYS B 43 -22.64 12.08 -12.53
N ALA B 44 -21.94 13.17 -12.82
CA ALA B 44 -20.65 13.41 -12.11
C ALA B 44 -20.79 13.81 -10.63
N ILE B 45 -21.83 14.54 -10.32
CA ILE B 45 -22.26 15.01 -9.01
C ILE B 45 -22.49 13.72 -8.23
N GLY B 46 -23.24 12.82 -8.83
CA GLY B 46 -23.68 11.55 -8.24
C GLY B 46 -22.57 10.61 -7.93
N ASP B 47 -21.60 10.48 -8.77
CA ASP B 47 -20.44 9.63 -8.49
C ASP B 47 -19.57 10.38 -7.52
N ALA B 48 -19.55 11.75 -7.73
CA ALA B 48 -18.61 12.43 -6.76
C ALA B 48 -19.12 12.16 -5.35
N MET B 49 -20.47 11.96 -5.18
CA MET B 49 -20.97 11.88 -3.76
C MET B 49 -20.55 10.51 -3.27
N ASP B 50 -20.91 9.58 -4.08
CA ASP B 50 -20.56 8.17 -3.90
C ASP B 50 -19.13 7.97 -3.58
N PHE B 51 -18.21 8.58 -4.26
CA PHE B 51 -16.75 8.45 -3.95
C PHE B 51 -16.43 9.06 -2.59
N ASN B 52 -16.89 10.28 -2.30
CA ASN B 52 -16.69 10.96 -1.06
C ASN B 52 -17.22 10.22 0.18
N HIS B 53 -18.36 9.51 0.14
CA HIS B 53 -18.85 8.93 1.39
C HIS B 53 -18.03 7.81 1.93
N GLY B 54 -17.36 7.00 1.17
CA GLY B 54 -16.47 5.94 1.73
C GLY B 54 -14.99 6.18 1.66
N LYS B 55 -14.57 7.37 1.33
CA LYS B 55 -13.22 7.94 1.18
C LYS B 55 -12.42 7.70 2.43
N VAL B 56 -13.15 7.85 3.55
CA VAL B 56 -12.65 7.79 4.93
C VAL B 56 -11.85 6.54 5.23
N PHE B 57 -12.24 5.56 4.45
CA PHE B 57 -11.93 4.17 4.37
C PHE B 57 -10.71 3.77 3.53
N ALA B 58 -10.28 4.66 2.69
CA ALA B 58 -9.11 4.47 1.81
C ALA B 58 -7.95 5.23 2.44
N PRO B 59 -6.87 5.36 1.65
CA PRO B 59 -5.73 6.17 2.12
C PRO B 59 -5.58 7.59 1.63
N LYS B 60 -6.60 8.43 1.51
CA LYS B 60 -6.65 9.84 1.34
C LYS B 60 -6.58 10.73 0.15
N PRO B 61 -7.57 10.94 -0.69
CA PRO B 61 -7.47 11.81 -1.88
C PRO B 61 -8.63 12.77 -1.74
N VAL B 62 -8.73 13.78 -2.52
CA VAL B 62 -9.91 14.65 -2.45
C VAL B 62 -10.58 14.55 -3.81
N ASP B 63 -11.78 14.56 -4.07
CA ASP B 63 -12.60 14.42 -5.22
C ASP B 63 -13.51 15.61 -5.38
N ILE B 64 -13.92 16.01 -6.52
CA ILE B 64 -14.68 17.30 -6.69
C ILE B 64 -15.48 16.96 -7.96
N TRP B 65 -16.65 17.44 -8.07
CA TRP B 65 -17.36 17.43 -9.38
C TRP B 65 -17.14 18.87 -9.88
N ASP B 68 -16.87 22.94 -14.58
CA ASP B 68 -16.21 22.66 -15.82
C ASP B 68 -14.68 22.66 -15.81
N TYR B 69 -14.24 22.97 -17.07
CA TYR B 69 -12.89 22.96 -17.52
C TYR B 69 -12.04 24.01 -16.89
N ASP B 70 -12.59 24.92 -16.09
CA ASP B 70 -11.69 25.95 -15.44
C ASP B 70 -10.93 25.12 -14.40
N ASP B 71 -11.10 23.76 -14.51
CA ASP B 71 -10.42 22.94 -13.52
C ASP B 71 -9.09 22.44 -14.02
N CYS B 72 -8.95 22.51 -15.32
CA CYS B 72 -7.73 22.03 -16.04
C CYS B 72 -6.78 23.20 -15.99
N ARG B 73 -6.44 23.59 -14.81
CA ARG B 73 -5.76 24.85 -14.44
C ARG B 73 -4.33 24.42 -14.28
N ASP B 74 -4.08 23.99 -13.05
CA ASP B 74 -2.76 23.35 -12.77
C ASP B 74 -2.99 21.83 -12.56
N ALA B 75 -3.82 21.40 -13.48
CA ALA B 75 -4.36 20.05 -13.67
C ALA B 75 -3.24 19.24 -14.27
N ASP B 76 -2.58 18.37 -13.59
CA ASP B 76 -1.42 17.62 -14.02
C ASP B 76 -1.58 16.74 -15.25
N LEU B 77 -2.71 16.03 -15.26
CA LEU B 77 -3.13 15.01 -16.22
C LEU B 77 -4.61 15.01 -16.45
N VAL B 78 -5.03 14.96 -17.72
CA VAL B 78 -6.42 14.90 -18.14
C VAL B 78 -6.75 13.58 -18.83
N VAL B 79 -7.51 12.68 -18.23
CA VAL B 79 -7.77 11.35 -18.86
C VAL B 79 -9.07 11.52 -19.62
N ILE B 80 -9.12 11.27 -20.93
CA ILE B 80 -10.35 11.56 -21.73
C ILE B 80 -10.97 10.21 -22.12
N CYS B 81 -11.93 9.84 -21.30
CA CYS B 81 -12.73 8.68 -21.30
C CYS B 81 -14.07 8.92 -21.94
N ALA B 82 -14.40 10.02 -22.59
CA ALA B 82 -15.67 10.30 -23.22
C ALA B 82 -15.80 9.79 -24.64
N GLY B 83 -17.07 9.70 -25.10
CA GLY B 83 -17.40 9.34 -26.44
C GLY B 83 -18.45 8.35 -26.80
N ALA B 84 -18.96 8.48 -28.03
CA ALA B 84 -20.00 7.77 -28.68
C ALA B 84 -19.88 6.26 -28.73
N ASN B 85 -20.88 5.74 -29.51
CA ASN B 85 -21.01 4.25 -29.59
C ASN B 85 -21.56 3.73 -30.92
N ASP B 94 -17.87 6.66 -38.86
CA ASP B 94 -19.10 7.16 -38.30
C ASP B 94 -19.10 7.20 -36.75
N LEU B 95 -18.07 6.66 -36.13
CA LEU B 95 -17.58 6.66 -34.78
C LEU B 95 -16.46 7.76 -34.76
N VAL B 96 -15.51 7.35 -35.59
CA VAL B 96 -14.32 8.14 -35.77
C VAL B 96 -14.72 9.58 -36.00
N ASP B 97 -15.73 9.87 -36.83
CA ASP B 97 -15.94 11.33 -37.19
C ASP B 97 -17.15 11.91 -36.39
N LYS B 98 -17.48 11.23 -35.37
CA LYS B 98 -18.54 11.59 -34.46
C LYS B 98 -17.80 12.00 -33.20
N ASN B 99 -16.80 11.09 -33.02
CA ASN B 99 -15.86 11.06 -31.93
C ASN B 99 -14.86 12.16 -32.10
N ILE B 100 -14.22 12.26 -33.23
CA ILE B 100 -13.35 13.40 -33.50
C ILE B 100 -14.09 14.69 -33.30
N ALA B 101 -15.43 14.58 -33.30
CA ALA B 101 -16.33 15.81 -33.30
C ALA B 101 -16.57 16.18 -31.88
N ILE B 102 -16.76 15.12 -31.10
CA ILE B 102 -16.98 15.24 -29.62
C ILE B 102 -15.65 15.77 -29.08
N PHE B 103 -14.56 15.10 -29.44
CA PHE B 103 -13.21 15.40 -29.03
C PHE B 103 -12.82 16.83 -29.41
N ARG B 104 -13.31 17.15 -30.63
CA ARG B 104 -12.96 18.54 -31.12
C ARG B 104 -13.43 19.48 -30.05
N SER B 105 -14.50 19.15 -29.33
CA SER B 105 -14.87 20.15 -28.22
C SER B 105 -14.19 19.95 -26.92
N ILE B 106 -13.81 18.72 -26.57
CA ILE B 106 -13.27 18.51 -25.20
C ILE B 106 -11.95 19.24 -25.16
N VAL B 107 -11.12 18.96 -26.15
CA VAL B 107 -9.74 19.53 -26.17
C VAL B 107 -9.74 21.04 -26.30
N GLU B 108 -10.65 21.55 -27.14
CA GLU B 108 -10.66 23.01 -27.38
C GLU B 108 -10.83 23.67 -26.03
N SER B 109 -11.77 23.16 -25.25
CA SER B 109 -12.07 23.68 -23.89
C SER B 109 -11.12 23.38 -22.75
N VAL B 110 -10.32 22.40 -22.76
CA VAL B 110 -9.41 22.16 -21.61
C VAL B 110 -8.25 23.15 -21.91
N MET B 111 -8.26 23.47 -23.21
CA MET B 111 -7.03 24.24 -23.66
C MET B 111 -7.32 25.68 -23.25
N ALA B 112 -8.50 26.15 -23.55
CA ALA B 112 -8.96 27.46 -23.12
C ALA B 112 -8.48 27.84 -21.72
N SER B 113 -8.43 26.99 -20.76
CA SER B 113 -7.97 27.41 -19.41
C SER B 113 -6.47 27.29 -19.43
N GLY B 114 -5.88 27.33 -20.58
CA GLY B 114 -4.41 27.28 -20.68
C GLY B 114 -3.81 26.13 -19.92
N PHE B 115 -4.11 24.93 -20.36
CA PHE B 115 -3.61 23.67 -19.79
C PHE B 115 -2.17 23.52 -20.21
N GLN B 116 -1.26 23.02 -19.42
CA GLN B 116 0.12 22.75 -19.56
C GLN B 116 0.43 21.26 -19.54
N GLY B 117 -0.50 20.47 -19.07
CA GLY B 117 -0.39 19.11 -18.75
C GLY B 117 -0.22 18.13 -19.80
N LEU B 118 -0.72 16.96 -19.52
CA LEU B 118 -0.65 15.75 -20.33
C LEU B 118 -2.05 15.22 -20.65
N PHE B 119 -2.23 14.69 -21.86
CA PHE B 119 -3.52 14.06 -22.19
C PHE B 119 -3.48 12.56 -22.10
N LEU B 120 -4.44 11.91 -21.41
CA LEU B 120 -4.36 10.34 -21.55
C LEU B 120 -5.76 9.98 -22.07
N VAL B 121 -5.65 9.49 -23.31
CA VAL B 121 -6.93 9.18 -24.07
C VAL B 121 -7.20 7.68 -24.02
N ALA B 122 -8.40 7.43 -23.39
CA ALA B 122 -8.86 6.06 -23.34
C ALA B 122 -9.97 5.77 -24.38
N THR B 123 -10.51 6.54 -25.20
CA THR B 123 -11.69 6.22 -25.97
C THR B 123 -11.45 5.55 -27.26
N ASN B 124 -12.06 4.35 -27.47
CA ASN B 124 -11.89 3.75 -28.90
C ASN B 124 -12.49 4.78 -29.87
N PRO B 125 -12.05 4.83 -31.10
CA PRO B 125 -10.99 3.99 -31.67
C PRO B 125 -9.78 4.73 -31.18
N VAL B 126 -9.09 4.49 -30.16
CA VAL B 126 -8.03 5.27 -29.60
C VAL B 126 -6.82 5.71 -30.37
N ASP B 127 -6.19 4.81 -31.15
CA ASP B 127 -4.86 5.26 -31.80
C ASP B 127 -5.29 6.39 -32.67
N ILE B 128 -6.53 6.37 -33.17
CA ILE B 128 -6.98 7.45 -34.00
C ILE B 128 -7.37 8.71 -33.23
N LEU B 129 -8.10 8.47 -32.11
CA LEU B 129 -8.51 9.66 -31.34
C LEU B 129 -7.31 10.26 -30.61
N THR B 130 -6.21 9.50 -30.57
CA THR B 130 -5.06 9.98 -29.80
C THR B 130 -4.33 10.94 -30.70
N TYR B 131 -4.41 10.66 -31.98
CA TYR B 131 -3.69 11.51 -33.01
C TYR B 131 -4.43 12.84 -33.12
N ALA B 132 -5.75 12.74 -32.98
CA ALA B 132 -6.65 13.87 -33.16
C ALA B 132 -6.51 14.78 -31.99
N THR B 133 -6.25 14.08 -30.84
CA THR B 133 -6.12 14.93 -29.58
C THR B 133 -4.89 15.79 -29.77
N TRP B 134 -3.89 15.22 -30.41
CA TRP B 134 -2.60 15.90 -30.56
C TRP B 134 -2.83 17.01 -31.55
N LYS B 135 -3.41 16.76 -32.68
CA LYS B 135 -3.78 17.76 -33.68
C LYS B 135 -4.67 18.86 -33.12
N PHE B 136 -5.58 18.58 -32.20
CA PHE B 136 -6.46 19.60 -31.67
C PHE B 136 -5.87 20.40 -30.52
N SER B 137 -4.87 19.98 -29.83
CA SER B 137 -4.44 20.79 -28.66
C SER B 137 -3.28 21.70 -29.00
N GLY B 138 -2.31 21.23 -29.73
CA GLY B 138 -1.10 22.04 -30.06
C GLY B 138 0.13 21.16 -29.67
N LEU B 139 0.07 20.75 -28.44
CA LEU B 139 1.08 20.10 -27.69
C LEU B 139 2.02 19.20 -28.44
N PRO B 140 3.29 19.29 -28.03
CA PRO B 140 4.27 18.34 -28.48
C PRO B 140 3.57 16.98 -28.23
N HIS B 141 3.87 16.06 -29.11
CA HIS B 141 3.34 14.71 -29.19
C HIS B 141 3.94 13.83 -28.09
N GLU B 142 4.61 14.36 -27.09
CA GLU B 142 5.20 13.46 -26.10
C GLU B 142 4.34 13.66 -24.86
N ARG B 143 3.45 14.60 -25.07
CA ARG B 143 2.59 15.07 -23.97
C ARG B 143 1.15 14.56 -24.18
N VAL B 144 0.88 13.88 -25.30
CA VAL B 144 -0.38 13.30 -25.66
C VAL B 144 -0.23 11.75 -25.87
N ILE B 145 -0.78 11.08 -24.87
CA ILE B 145 -0.58 9.63 -24.72
C ILE B 145 -1.96 9.03 -25.01
N GLY B 146 -1.96 7.84 -25.40
CA GLY B 146 -3.01 6.99 -25.77
C GLY B 146 -2.94 5.63 -25.00
N SER B 147 -4.11 5.16 -24.66
CA SER B 147 -4.29 3.96 -23.83
C SER B 147 -3.55 2.79 -24.38
N GLY B 148 -3.47 2.69 -25.70
CA GLY B 148 -2.91 1.75 -26.63
C GLY B 148 -3.12 0.31 -26.47
N THR B 149 -2.14 -0.54 -26.71
CA THR B 149 -2.16 -1.95 -26.53
C THR B 149 -1.76 -2.34 -25.08
N ILE B 150 -1.82 -1.43 -24.17
CA ILE B 150 -1.59 -1.65 -22.77
C ILE B 150 -2.44 -2.75 -22.18
N LEU B 151 -3.59 -3.03 -22.59
CA LEU B 151 -4.48 -3.97 -21.82
C LEU B 151 -4.40 -5.25 -22.59
N ASP B 152 -4.04 -5.01 -23.84
CA ASP B 152 -3.87 -6.13 -24.80
C ASP B 152 -2.73 -7.00 -24.28
N THR B 153 -1.61 -6.34 -23.88
CA THR B 153 -0.40 -7.06 -23.45
C THR B 153 -0.55 -7.47 -22.05
N ALA B 154 -1.47 -6.87 -21.31
CA ALA B 154 -1.89 -7.39 -19.99
C ALA B 154 -2.66 -8.68 -20.27
N ARG B 155 -3.63 -8.65 -21.20
CA ARG B 155 -4.44 -9.88 -21.41
C ARG B 155 -3.46 -10.97 -21.73
N PHE B 156 -2.54 -10.70 -22.59
CA PHE B 156 -1.51 -11.57 -23.19
C PHE B 156 -0.74 -12.16 -22.01
N ARG B 157 0.01 -11.40 -21.29
CA ARG B 157 0.74 -11.75 -20.12
C ARG B 157 -0.05 -12.48 -19.04
N PHE B 158 -1.28 -12.29 -18.85
CA PHE B 158 -2.17 -13.05 -17.98
C PHE B 158 -2.35 -14.45 -18.58
N LEU B 159 -2.92 -14.72 -19.71
CA LEU B 159 -3.01 -16.01 -20.34
C LEU B 159 -1.69 -16.76 -20.42
N LEU B 160 -0.58 -16.17 -20.81
CA LEU B 160 0.67 -16.97 -20.90
C LEU B 160 1.10 -17.34 -19.46
N GLY B 161 0.99 -16.37 -18.55
CA GLY B 161 1.27 -16.51 -17.16
C GLY B 161 0.51 -17.67 -16.55
N GLU B 162 -0.63 -17.98 -17.11
CA GLU B 162 -1.53 -19.04 -16.62
C GLU B 162 -1.15 -20.39 -17.20
N TYR B 163 -0.68 -20.33 -18.41
CA TYR B 163 -0.16 -21.47 -19.21
C TYR B 163 1.07 -22.07 -18.51
N PHE B 164 2.06 -21.32 -18.24
CA PHE B 164 3.29 -21.71 -17.54
C PHE B 164 3.08 -21.78 -16.02
N SER B 165 1.92 -21.37 -15.65
CA SER B 165 1.52 -21.27 -14.26
C SER B 165 2.53 -20.41 -13.50
N VAL B 166 3.08 -19.37 -14.14
CA VAL B 166 3.96 -18.46 -13.35
C VAL B 166 3.18 -17.20 -13.04
N ALA B 167 3.78 -16.12 -12.77
CA ALA B 167 3.04 -14.89 -12.35
C ALA B 167 3.21 -13.93 -13.48
N PRO B 168 2.07 -13.41 -13.98
CA PRO B 168 2.05 -12.57 -15.16
C PRO B 168 3.18 -11.56 -15.17
N GLN B 169 3.65 -11.16 -14.00
CA GLN B 169 4.69 -10.09 -13.84
C GLN B 169 6.09 -10.56 -14.13
N ASN B 170 6.32 -11.77 -14.36
CA ASN B 170 7.51 -12.48 -14.77
C ASN B 170 7.32 -12.75 -16.30
N VAL B 171 6.15 -12.88 -16.85
CA VAL B 171 6.07 -12.94 -18.34
C VAL B 171 6.47 -11.62 -19.01
N HIS B 172 7.35 -11.63 -19.97
CA HIS B 172 7.64 -10.34 -20.66
C HIS B 172 7.31 -10.55 -22.13
N ALA B 173 6.16 -10.06 -22.58
CA ALA B 173 5.67 -10.27 -23.93
C ALA B 173 4.70 -9.10 -24.25
N TYR B 174 4.91 -8.49 -25.40
CA TYR B 174 4.20 -7.38 -25.93
C TYR B 174 3.18 -7.70 -27.04
N ILE B 175 2.14 -6.89 -27.12
CA ILE B 175 1.18 -6.77 -28.26
C ILE B 175 1.30 -5.34 -28.80
N ILE B 176 1.67 -5.18 -30.04
CA ILE B 176 1.94 -3.80 -30.65
C ILE B 176 1.10 -3.67 -31.89
N GLY B 177 0.98 -2.54 -32.46
CA GLY B 177 0.15 -2.30 -33.69
C GLY B 177 -1.09 -1.56 -33.29
N GLU B 178 -2.25 -1.83 -33.87
CA GLU B 178 -3.46 -1.09 -33.56
C GLU B 178 -4.27 -1.81 -32.51
N HIS B 179 -4.89 -0.94 -31.67
CA HIS B 179 -5.67 -1.49 -30.52
C HIS B 179 -6.92 -2.07 -31.18
N GLY B 180 -6.87 -3.29 -31.73
CA GLY B 180 -8.04 -3.70 -32.47
C GLY B 180 -7.69 -4.95 -33.21
N ASP B 181 -8.25 -5.07 -34.39
CA ASP B 181 -8.06 -6.26 -35.21
C ASP B 181 -6.66 -6.53 -35.71
N THR B 182 -5.95 -5.48 -36.09
CA THR B 182 -4.66 -5.60 -36.70
C THR B 182 -3.48 -5.74 -35.79
N GLU B 183 -3.72 -5.70 -34.52
CA GLU B 183 -2.58 -5.76 -33.54
C GLU B 183 -1.92 -7.08 -33.79
N LEU B 184 -0.66 -7.23 -33.59
CA LEU B 184 0.07 -8.51 -33.74
C LEU B 184 0.82 -8.65 -32.45
N PRO B 185 1.19 -9.83 -32.06
CA PRO B 185 2.03 -10.09 -30.92
C PRO B 185 3.44 -10.16 -31.44
N VAL B 186 4.38 -9.83 -30.61
CA VAL B 186 5.84 -9.83 -30.85
C VAL B 186 6.36 -11.12 -30.16
N TRP B 187 6.20 -12.20 -30.93
CA TRP B 187 6.54 -13.54 -30.61
C TRP B 187 8.03 -13.74 -30.46
N SER B 188 8.83 -13.15 -31.30
CA SER B 188 10.27 -13.39 -31.31
C SER B 188 10.91 -12.82 -30.07
N GLN B 189 10.46 -11.84 -29.38
CA GLN B 189 11.07 -11.31 -28.19
C GLN B 189 10.06 -11.32 -26.99
N ALA B 190 9.61 -12.56 -26.74
CA ALA B 190 8.68 -12.83 -25.63
C ALA B 190 9.38 -13.78 -24.70
N TYR B 191 9.70 -13.40 -23.52
CA TYR B 191 10.44 -14.28 -22.58
C TYR B 191 9.61 -14.59 -21.37
N ILE B 192 10.03 -15.52 -20.59
CA ILE B 192 9.39 -15.86 -19.25
C ILE B 192 10.59 -15.83 -18.33
N GLY B 193 10.74 -14.74 -17.59
CA GLY B 193 12.05 -14.55 -16.86
C GLY B 193 12.99 -14.12 -18.02
N VAL B 194 13.99 -14.86 -18.36
CA VAL B 194 14.96 -14.50 -19.41
C VAL B 194 15.03 -15.68 -20.37
N MET B 195 14.06 -16.55 -20.19
CA MET B 195 14.03 -17.79 -21.03
C MET B 195 12.96 -17.58 -22.08
N PRO B 196 13.36 -17.41 -23.31
CA PRO B 196 12.46 -17.33 -24.45
C PRO B 196 11.47 -18.46 -24.40
N ILE B 197 10.48 -18.45 -25.25
CA ILE B 197 9.60 -19.64 -25.50
C ILE B 197 10.06 -20.29 -26.82
N ASP B 211 -1.71 -24.84 -27.63
CA ASP B 211 -1.25 -23.80 -28.51
C ASP B 211 -1.23 -22.39 -27.88
N LEU B 212 -0.27 -21.60 -28.37
CA LEU B 212 0.03 -20.28 -28.12
C LEU B 212 -0.54 -19.50 -29.32
N GLU B 213 -0.77 -20.06 -30.48
CA GLU B 213 -1.41 -19.10 -31.48
C GLU B 213 -2.87 -18.91 -31.16
N ARG B 214 -3.38 -19.68 -30.27
CA ARG B 214 -4.74 -19.79 -29.77
C ARG B 214 -4.85 -18.72 -28.73
N ILE B 215 -3.97 -18.83 -27.71
CA ILE B 215 -3.85 -17.78 -26.70
C ILE B 215 -3.99 -16.37 -27.28
N PHE B 216 -3.22 -16.08 -28.31
CA PHE B 216 -3.22 -14.80 -29.00
C PHE B 216 -4.60 -14.60 -29.68
N VAL B 217 -5.28 -15.54 -30.21
CA VAL B 217 -6.59 -15.34 -30.84
C VAL B 217 -7.59 -15.02 -29.76
N ASN B 218 -7.42 -15.48 -28.56
CA ASN B 218 -8.24 -15.17 -27.37
C ASN B 218 -7.82 -13.82 -26.84
N VAL B 219 -6.56 -13.43 -27.03
CA VAL B 219 -6.21 -12.05 -26.59
C VAL B 219 -6.89 -10.97 -27.44
N ARG B 220 -7.19 -11.18 -28.68
CA ARG B 220 -7.64 -10.25 -29.67
C ARG B 220 -9.15 -10.26 -29.84
N ASP B 221 -9.80 -11.40 -29.63
CA ASP B 221 -11.26 -11.43 -29.62
C ASP B 221 -11.62 -11.37 -28.15
N ALA B 222 -10.97 -10.62 -27.26
CA ALA B 222 -11.31 -10.70 -25.82
C ALA B 222 -12.42 -9.77 -25.36
N ALA B 223 -12.52 -8.63 -25.96
CA ALA B 223 -13.45 -7.54 -25.75
C ALA B 223 -14.85 -8.02 -26.06
N TYR B 224 -14.95 -8.50 -27.32
CA TYR B 224 -16.15 -9.09 -27.92
C TYR B 224 -16.67 -10.21 -27.02
N GLN B 225 -15.66 -10.90 -26.45
CA GLN B 225 -15.94 -12.04 -25.58
C GLN B 225 -16.45 -11.62 -24.24
N ILE B 226 -16.01 -10.48 -23.71
CA ILE B 226 -16.46 -10.12 -22.33
C ILE B 226 -17.70 -9.29 -22.48
N ILE B 227 -17.85 -8.70 -23.65
CA ILE B 227 -18.92 -7.74 -23.99
C ILE B 227 -20.24 -8.46 -24.22
N GLU B 228 -20.03 -9.67 -24.76
CA GLU B 228 -21.12 -10.55 -25.09
C GLU B 228 -21.73 -11.06 -23.80
N LYS B 229 -21.00 -11.15 -22.69
CA LYS B 229 -21.56 -11.79 -21.48
C LYS B 229 -21.83 -10.82 -20.33
N LYS B 230 -21.57 -9.54 -20.48
CA LYS B 230 -21.75 -8.56 -19.42
C LYS B 230 -21.93 -7.18 -20.00
N GLY B 231 -22.15 -7.13 -21.33
CA GLY B 231 -22.43 -5.89 -22.03
C GLY B 231 -21.29 -4.99 -22.24
N ALA B 232 -20.24 -4.92 -21.40
CA ALA B 232 -19.16 -3.93 -21.74
C ALA B 232 -17.92 -4.16 -20.92
N THR B 233 -16.76 -3.75 -21.47
CA THR B 233 -15.52 -3.76 -20.76
C THR B 233 -15.21 -2.42 -20.05
N TYR B 234 -14.63 -2.57 -18.84
CA TYR B 234 -14.27 -1.36 -18.07
C TYR B 234 -13.29 -1.61 -16.97
N TYR B 235 -13.27 -2.58 -16.14
CA TYR B 235 -12.23 -2.80 -15.07
C TYR B 235 -10.86 -3.04 -15.70
N GLY B 236 -10.80 -3.96 -16.64
CA GLY B 236 -9.58 -4.23 -17.41
C GLY B 236 -8.77 -2.95 -17.64
N ILE B 237 -9.28 -2.20 -18.56
CA ILE B 237 -8.63 -0.92 -18.91
C ILE B 237 -8.34 -0.02 -17.73
N ALA B 238 -9.26 0.43 -16.92
CA ALA B 238 -9.01 1.36 -15.80
C ALA B 238 -7.76 0.98 -15.11
N MET B 239 -7.60 -0.31 -14.86
CA MET B 239 -6.43 -0.83 -14.14
C MET B 239 -5.22 -0.40 -14.96
N GLY B 240 -5.31 -0.57 -16.26
CA GLY B 240 -4.25 -0.22 -17.24
C GLY B 240 -4.04 1.27 -17.29
N LEU B 241 -5.03 2.05 -17.02
CA LEU B 241 -5.11 3.48 -17.05
C LEU B 241 -4.58 4.00 -15.74
N ALA B 242 -4.69 3.15 -14.70
CA ALA B 242 -4.16 3.48 -13.37
C ALA B 242 -2.66 3.29 -13.38
N ARG B 243 -2.01 2.41 -14.07
CA ARG B 243 -0.58 2.19 -14.18
C ARG B 243 0.16 3.29 -14.93
N VAL B 244 -0.17 3.63 -16.19
CA VAL B 244 0.38 4.78 -16.92
C VAL B 244 0.27 6.03 -16.03
N THR B 245 -0.84 6.15 -15.29
CA THR B 245 -0.98 7.33 -14.41
C THR B 245 0.15 7.18 -13.38
N ARG B 246 0.31 5.98 -12.85
CA ARG B 246 1.36 5.78 -11.90
C ARG B 246 2.69 6.25 -12.55
N ALA B 247 3.01 5.77 -13.76
CA ALA B 247 4.24 6.05 -14.42
C ALA B 247 4.40 7.54 -14.53
N ILE B 248 3.40 8.25 -14.83
CA ILE B 248 3.55 9.72 -15.07
C ILE B 248 3.82 10.32 -13.71
N LEU B 249 2.83 10.04 -12.81
CA LEU B 249 2.80 10.91 -11.58
C LEU B 249 4.02 10.72 -10.72
N HIS B 250 4.63 9.56 -10.75
CA HIS B 250 5.80 9.15 -10.04
C HIS B 250 7.08 9.14 -10.87
N ASN B 251 7.17 9.67 -12.05
CA ASN B 251 8.44 9.65 -12.84
C ASN B 251 9.02 8.22 -12.98
N GLU B 252 8.24 7.23 -13.36
CA GLU B 252 8.80 5.88 -13.24
C GLU B 252 9.93 5.66 -14.21
N ASN B 253 9.75 5.97 -15.44
CA ASN B 253 10.65 5.63 -16.55
C ASN B 253 10.26 4.15 -16.87
N ALA B 254 8.93 3.99 -16.84
CA ALA B 254 8.45 2.62 -17.11
C ALA B 254 8.38 2.28 -18.58
N ILE B 255 8.72 1.00 -18.93
CA ILE B 255 8.49 0.61 -20.30
C ILE B 255 7.07 -0.07 -20.35
N LEU B 256 6.15 0.71 -20.86
CA LEU B 256 4.75 0.44 -21.06
C LEU B 256 4.33 0.40 -22.52
N THR B 257 3.56 -0.55 -22.97
CA THR B 257 3.24 -0.43 -24.46
C THR B 257 2.10 0.46 -24.80
N VAL B 258 2.16 1.74 -24.87
CA VAL B 258 1.15 2.73 -25.15
C VAL B 258 0.99 3.04 -26.65
N SER B 259 0.22 4.08 -26.98
CA SER B 259 -0.09 4.65 -28.26
C SER B 259 0.79 5.96 -28.33
N ALA B 260 1.93 5.81 -28.90
CA ALA B 260 2.97 6.80 -29.07
C ALA B 260 2.92 7.16 -30.57
N TYR B 261 3.43 8.33 -30.92
CA TYR B 261 3.54 8.86 -32.24
C TYR B 261 4.83 8.44 -32.89
N LEU B 262 4.76 7.85 -34.06
CA LEU B 262 5.94 7.36 -34.77
C LEU B 262 6.52 8.40 -35.70
N ASP B 263 7.73 8.74 -35.53
CA ASP B 263 8.90 9.41 -35.77
C ASP B 263 9.72 9.04 -37.04
N GLY B 264 9.45 7.83 -37.51
CA GLY B 264 10.31 7.21 -38.55
C GLY B 264 11.02 6.11 -37.76
N LEU B 265 10.27 5.59 -36.78
CA LEU B 265 10.87 4.57 -35.91
C LEU B 265 10.47 3.23 -36.45
N TYR B 266 9.31 2.82 -36.59
CA TYR B 266 9.28 1.31 -37.01
C TYR B 266 9.34 1.35 -38.51
N GLY B 267 9.68 2.51 -39.02
CA GLY B 267 9.52 2.59 -40.55
C GLY B 267 8.35 3.60 -40.72
N GLU B 268 7.55 4.06 -39.83
CA GLU B 268 6.43 4.90 -40.10
C GLU B 268 6.61 6.36 -39.83
N ARG B 269 5.84 7.27 -40.52
CA ARG B 269 6.18 8.68 -40.38
C ARG B 269 5.05 9.49 -39.87
N ASP B 270 3.87 9.12 -39.61
CA ASP B 270 2.90 10.17 -39.10
C ASP B 270 1.58 9.42 -38.81
N VAL B 271 1.53 8.82 -37.65
CA VAL B 271 0.55 7.93 -37.15
C VAL B 271 0.82 7.85 -35.65
N TYR B 272 -0.20 7.41 -34.93
CA TYR B 272 -0.03 7.12 -33.46
C TYR B 272 -0.29 5.64 -33.43
N ILE B 273 0.48 4.76 -32.96
CA ILE B 273 0.16 3.33 -32.90
C ILE B 273 0.71 2.80 -31.59
N GLY B 274 0.45 1.61 -31.19
CA GLY B 274 0.73 0.94 -29.95
C GLY B 274 2.16 0.41 -30.02
N VAL B 275 2.98 0.93 -29.13
CA VAL B 275 4.42 0.57 -29.21
C VAL B 275 5.16 0.74 -27.91
N PRO B 276 6.21 0.02 -27.58
CA PRO B 276 6.90 0.14 -26.30
C PRO B 276 7.36 1.55 -26.04
N ALA B 277 6.91 2.33 -25.08
CA ALA B 277 7.52 3.70 -24.98
C ALA B 277 7.94 3.78 -23.52
N VAL B 278 8.83 4.65 -23.14
CA VAL B 278 9.32 4.78 -21.78
C VAL B 278 8.52 5.86 -21.10
N ILE B 279 7.89 5.67 -19.95
CA ILE B 279 6.97 6.75 -19.45
C ILE B 279 7.51 7.48 -18.27
N ASN B 280 7.15 8.72 -18.04
CA ASN B 280 7.76 9.36 -16.82
C ASN B 280 7.05 10.66 -16.72
N ARG B 281 7.21 11.51 -15.75
CA ARG B 281 6.46 12.69 -15.44
C ARG B 281 6.20 13.64 -16.54
N ASN B 282 7.10 13.78 -17.44
CA ASN B 282 6.98 14.74 -18.54
C ASN B 282 6.55 14.04 -19.81
N GLY B 283 5.71 13.05 -19.83
CA GLY B 283 5.09 12.45 -20.99
C GLY B 283 5.82 11.33 -21.54
N ILE B 284 5.96 11.06 -22.81
CA ILE B 284 6.81 9.93 -23.31
C ILE B 284 8.23 10.36 -23.38
N ARG B 285 9.19 9.54 -23.08
CA ARG B 285 10.62 9.86 -23.09
C ARG B 285 11.13 9.52 -24.48
N GLU B 286 10.81 8.25 -24.77
CA GLU B 286 11.40 7.73 -26.05
C GLU B 286 10.71 6.46 -26.40
N VAL B 287 10.42 6.26 -27.66
CA VAL B 287 9.76 5.02 -28.19
C VAL B 287 10.81 3.97 -28.40
N ILE B 288 10.79 2.80 -27.99
CA ILE B 288 11.82 1.79 -28.25
C ILE B 288 11.50 1.07 -29.60
N GLU B 289 12.52 0.77 -30.37
CA GLU B 289 12.34 -0.12 -31.50
C GLU B 289 12.71 -1.55 -31.14
N ILE B 290 11.87 -2.34 -30.56
CA ILE B 290 12.24 -3.81 -30.39
C ILE B 290 12.62 -4.26 -31.78
N GLU B 291 13.49 -5.19 -31.97
CA GLU B 291 13.86 -5.79 -33.29
C GLU B 291 12.89 -6.90 -33.74
N LEU B 292 12.22 -6.63 -34.84
CA LEU B 292 11.12 -7.46 -35.31
C LEU B 292 11.56 -8.44 -36.37
N ASN B 293 10.85 -9.56 -36.23
CA ASN B 293 11.04 -10.75 -37.11
C ASN B 293 10.76 -10.15 -38.46
N ASP B 294 10.24 -10.98 -39.32
CA ASP B 294 9.78 -10.40 -40.67
C ASP B 294 8.27 -10.28 -40.37
N ASP B 295 8.02 -9.91 -39.06
CA ASP B 295 6.70 -9.68 -38.40
C ASP B 295 6.59 -8.12 -38.36
N GLU B 296 7.39 -7.60 -39.23
CA GLU B 296 7.68 -6.25 -39.62
C GLU B 296 6.70 -5.72 -40.66
N LYS B 297 7.31 -4.98 -41.55
CA LYS B 297 6.62 -4.29 -42.70
C LYS B 297 5.74 -5.37 -43.34
N ASN B 298 4.96 -5.90 -42.34
CA ASN B 298 3.99 -6.91 -42.67
C ASN B 298 2.80 -6.88 -41.73
N ARG B 299 3.03 -7.19 -40.47
CA ARG B 299 1.88 -7.14 -39.52
C ARG B 299 1.84 -5.70 -39.06
N PHE B 300 2.96 -5.15 -38.61
CA PHE B 300 3.08 -3.79 -38.12
C PHE B 300 2.90 -2.75 -39.23
N HIS B 301 3.45 -3.11 -40.40
CA HIS B 301 3.29 -2.11 -41.53
C HIS B 301 1.87 -2.00 -41.96
N HIS B 302 1.22 -3.22 -41.92
CA HIS B 302 -0.14 -3.47 -42.33
C HIS B 302 -1.08 -2.65 -41.44
N SER B 303 -0.86 -2.78 -40.15
CA SER B 303 -1.47 -2.18 -39.02
C SER B 303 -1.31 -0.68 -39.12
N ALA B 304 -0.06 -0.24 -39.16
CA ALA B 304 0.21 1.22 -39.35
C ALA B 304 -0.59 1.75 -40.53
N ALA B 305 -0.65 0.98 -41.59
CA ALA B 305 -1.29 1.40 -42.85
C ALA B 305 -2.78 1.51 -42.68
N THR B 306 -3.42 0.55 -42.03
CA THR B 306 -4.84 0.53 -41.76
C THR B 306 -5.32 1.83 -41.10
N LEU B 307 -4.47 2.30 -40.17
CA LEU B 307 -4.77 3.50 -39.42
C LEU B 307 -4.41 4.76 -40.19
N LYS B 308 -3.35 4.68 -40.94
CA LYS B 308 -2.68 5.89 -41.51
C LYS B 308 -3.62 6.52 -42.46
N SER B 309 -4.59 5.67 -42.75
CA SER B 309 -5.58 5.96 -43.83
C SER B 309 -6.96 6.29 -43.35
N VAL B 310 -7.34 5.81 -42.14
CA VAL B 310 -8.57 6.20 -41.47
C VAL B 310 -8.35 7.70 -41.17
N LEU B 311 -7.12 8.10 -41.06
CA LEU B 311 -6.84 9.52 -40.67
C LEU B 311 -7.07 10.41 -41.87
N ALA B 312 -7.12 9.77 -43.04
CA ALA B 312 -7.21 10.65 -44.32
C ALA B 312 -8.65 10.54 -44.75
N ARG B 313 -9.16 9.31 -44.71
CA ARG B 313 -10.57 9.01 -44.87
C ARG B 313 -11.43 9.78 -43.87
N ALA B 314 -11.05 9.78 -42.60
CA ALA B 314 -11.70 10.49 -41.49
C ALA B 314 -11.29 11.99 -41.35
N PHE B 315 -11.70 12.59 -40.25
CA PHE B 315 -11.35 13.95 -39.85
C PHE B 315 -12.52 14.94 -39.88
N THR B 316 -12.52 15.70 -40.93
CA THR B 316 -13.53 16.71 -41.34
C THR B 316 -14.39 17.25 -40.25
N ARG B 317 -15.73 17.10 -40.28
CA ARG B 317 -16.56 17.53 -39.15
C ARG B 317 -16.51 16.41 -38.06
N MET C 1 -12.47 -18.05 18.85
CA MET C 1 -11.55 -19.07 19.47
C MET C 1 -10.69 -18.33 20.50
N LYS C 2 -9.39 -18.43 20.36
CA LYS C 2 -8.47 -17.64 21.25
C LYS C 2 -8.18 -16.41 20.40
N ASN C 3 -6.94 -16.04 20.30
CA ASN C 3 -6.60 -14.92 19.36
C ASN C 3 -5.60 -15.61 18.40
N ASN C 4 -6.05 -15.75 17.17
CA ASN C 4 -5.51 -16.38 16.02
C ASN C 4 -4.07 -16.06 15.63
N GLY C 5 -3.76 -16.61 14.46
CA GLY C 5 -2.43 -16.33 13.81
C GLY C 5 -2.69 -16.36 12.28
N GLY C 6 -1.95 -17.25 11.61
CA GLY C 6 -2.30 -17.49 10.18
C GLY C 6 -1.06 -17.29 9.30
N ALA C 7 -0.44 -16.14 9.58
CA ALA C 7 0.81 -15.82 8.86
C ALA C 7 1.81 -15.30 9.92
N ARG C 8 2.49 -16.17 10.60
CA ARG C 8 3.53 -15.84 11.55
C ARG C 8 4.96 -16.10 10.99
N VAL C 9 5.89 -15.24 11.25
CA VAL C 9 7.26 -15.14 10.91
C VAL C 9 8.07 -15.02 12.24
N VAL C 10 9.05 -15.92 12.39
CA VAL C 10 9.92 -15.93 13.55
C VAL C 10 11.32 -15.63 13.06
N VAL C 11 11.87 -14.52 13.48
CA VAL C 11 13.21 -14.14 13.05
C VAL C 11 14.18 -14.54 14.17
N ILE C 12 15.06 -15.43 13.97
CA ILE C 12 16.09 -15.83 14.88
C ILE C 12 17.28 -14.92 14.54
N GLY C 13 17.60 -14.02 15.44
CA GLY C 13 18.58 -13.02 15.34
C GLY C 13 17.96 -11.64 15.05
N ALA C 14 17.69 -11.01 16.22
CA ALA C 14 17.22 -9.61 16.17
C ALA C 14 18.52 -8.81 16.16
N GLY C 15 19.16 -8.54 15.06
CA GLY C 15 20.42 -7.72 14.97
C GLY C 15 20.20 -6.88 13.75
N PHE C 16 21.08 -6.37 13.00
CA PHE C 16 20.88 -5.46 11.89
C PHE C 16 20.01 -5.96 10.80
N VAL C 17 20.21 -7.13 10.35
CA VAL C 17 19.47 -7.80 9.30
C VAL C 17 18.12 -8.18 9.84
N GLY C 18 18.03 -8.70 11.01
CA GLY C 18 16.86 -9.24 11.65
C GLY C 18 15.89 -8.08 11.86
N ALA C 19 16.34 -7.10 12.57
CA ALA C 19 15.75 -5.85 12.94
C ALA C 19 15.25 -5.07 11.72
N SER C 20 16.01 -4.94 10.71
CA SER C 20 15.70 -4.12 9.50
C SER C 20 14.72 -4.91 8.63
N TYR C 21 14.68 -6.20 8.99
CA TYR C 21 13.83 -7.15 8.18
C TYR C 21 12.40 -6.98 8.71
N VAL C 22 12.28 -7.17 10.03
CA VAL C 22 11.11 -6.91 10.79
C VAL C 22 10.53 -5.50 10.40
N PHE C 23 11.34 -4.46 10.48
CA PHE C 23 10.87 -3.10 10.22
C PHE C 23 10.37 -2.97 8.80
N ALA C 24 10.73 -3.92 7.97
CA ALA C 24 10.42 -3.89 6.53
C ALA C 24 9.03 -4.40 6.37
N LEU C 25 8.92 -5.60 6.96
CA LEU C 25 7.65 -6.36 6.99
C LEU C 25 6.61 -5.39 7.55
N MET C 26 6.90 -4.85 8.67
CA MET C 26 6.06 -3.91 9.44
C MET C 26 5.58 -2.74 8.62
N ASN C 27 6.54 -2.10 7.99
CA ASN C 27 6.19 -0.94 7.18
C ASN C 27 5.59 -1.41 5.85
N GLN C 28 5.63 -2.66 5.50
CA GLN C 28 5.05 -3.12 4.23
C GLN C 28 3.70 -3.75 4.51
N GLY C 29 3.32 -4.04 5.71
CA GLY C 29 2.03 -4.61 6.15
C GLY C 29 1.95 -6.01 5.54
N ILE C 30 3.11 -6.72 5.62
CA ILE C 30 3.27 -8.03 5.13
C ILE C 30 2.85 -9.10 6.13
N ALA C 31 3.30 -9.22 7.34
CA ALA C 31 2.84 -10.42 8.10
C ALA C 31 1.84 -10.13 9.18
N ASP C 32 1.15 -11.12 9.74
CA ASP C 32 0.22 -10.80 10.87
C ASP C 32 0.95 -10.63 12.22
N GLU C 33 1.51 -11.70 12.73
CA GLU C 33 2.27 -11.86 13.91
C GLU C 33 3.72 -11.94 13.48
N ILE C 34 4.68 -11.42 14.19
CA ILE C 34 6.08 -11.37 13.88
C ILE C 34 6.74 -11.56 15.23
N VAL C 35 7.35 -12.70 15.47
CA VAL C 35 8.04 -13.09 16.71
C VAL C 35 9.55 -13.04 16.56
N LEU C 36 10.21 -12.58 17.58
CA LEU C 36 11.67 -12.26 17.43
C LEU C 36 12.30 -13.01 18.56
N ILE C 37 13.34 -13.77 18.34
CA ILE C 37 14.08 -14.65 19.22
C ILE C 37 15.54 -14.34 18.99
N ASP C 38 16.21 -14.12 20.11
CA ASP C 38 17.71 -13.81 19.92
C ASP C 38 18.30 -14.42 21.20
N ALA C 39 19.50 -14.92 21.24
CA ALA C 39 20.07 -15.45 22.47
C ALA C 39 20.50 -14.35 23.45
N ASN C 40 20.30 -13.12 22.99
CA ASN C 40 20.60 -11.93 23.81
C ASN C 40 19.23 -11.27 23.98
N GLU C 41 18.46 -11.90 24.77
CA GLU C 41 17.05 -11.63 24.99
C GLU C 41 16.77 -10.19 25.33
N SER C 42 17.76 -9.50 25.87
CA SER C 42 17.56 -8.08 26.30
C SER C 42 17.39 -7.20 25.06
N LYS C 43 18.14 -7.47 24.03
CA LYS C 43 18.08 -6.94 22.68
C LYS C 43 16.75 -7.28 21.96
N ALA C 44 16.19 -8.48 22.05
CA ALA C 44 14.88 -8.70 21.38
C ALA C 44 13.67 -8.02 22.03
N ILE C 45 13.70 -7.93 23.33
CA ILE C 45 12.75 -7.27 24.23
C ILE C 45 12.79 -5.81 23.78
N GLY C 46 13.98 -5.28 23.67
CA GLY C 46 14.25 -3.87 23.35
C GLY C 46 13.80 -3.46 21.99
N ASP C 47 13.99 -4.27 20.99
CA ASP C 47 13.49 -3.96 19.64
C ASP C 47 11.99 -4.21 19.65
N ALA C 48 11.62 -5.29 20.44
CA ALA C 48 10.13 -5.52 20.35
C ALA C 48 9.43 -4.27 20.88
N MET C 49 10.10 -3.50 21.81
CA MET C 49 9.32 -2.39 22.45
C MET C 49 9.26 -1.30 21.39
N ASP C 50 10.40 -1.03 20.90
CA ASP C 50 10.63 -0.08 19.81
C ASP C 50 9.71 -0.30 18.67
N PHE C 51 9.51 -1.50 18.21
CA PHE C 51 8.55 -1.77 17.08
C PHE C 51 7.12 -1.47 17.50
N ASN C 52 6.68 -1.95 18.67
CA ASN C 52 5.38 -1.73 19.19
C ASN C 52 5.00 -0.27 19.41
N HIS C 53 5.90 0.63 19.83
CA HIS C 53 5.43 1.99 20.11
C HIS C 53 5.02 2.78 18.90
N GLY C 54 5.56 2.61 17.74
CA GLY C 54 5.09 3.34 16.53
C GLY C 54 4.26 2.57 15.54
N LYS C 55 3.84 1.38 15.88
CA LYS C 55 3.01 0.38 15.19
C LYS C 55 1.73 1.00 14.70
N VAL C 56 1.22 1.87 15.59
CA VAL C 56 -0.07 2.57 15.45
C VAL C 56 -0.23 3.31 14.13
N PHE C 57 0.93 3.66 13.65
CA PHE C 57 1.38 4.43 12.56
C PHE C 57 1.53 3.73 11.20
N ALA C 58 1.59 2.42 11.25
CA ALA C 58 1.71 1.55 10.05
C ALA C 58 0.33 0.98 9.78
N PRO C 59 0.30 -0.01 8.87
CA PRO C 59 -0.97 -0.71 8.61
C PRO C 59 -1.22 -2.05 9.27
N LYS C 60 -0.91 -2.31 10.53
CA LYS C 60 -1.30 -3.37 11.41
C LYS C 60 -0.78 -4.74 11.66
N PRO C 61 0.29 -5.02 12.36
CA PRO C 61 0.80 -6.39 12.56
C PRO C 61 0.95 -6.50 14.05
N VAL C 62 1.19 -7.64 14.60
CA VAL C 62 1.43 -7.74 16.04
C VAL C 62 2.85 -8.25 16.19
N ASP C 63 3.68 -7.95 17.06
CA ASP C 63 5.03 -8.26 17.36
C ASP C 63 5.17 -8.82 18.74
N ILE C 64 6.09 -9.63 19.06
CA ILE C 64 6.13 -10.34 20.39
C ILE C 64 7.64 -10.58 20.52
N TRP C 65 8.16 -10.52 21.68
CA TRP C 65 9.53 -11.04 21.93
C TRP C 65 9.23 -12.43 22.54
N ASP C 68 11.08 -18.23 23.86
CA ASP C 68 11.78 -19.06 22.92
C ASP C 68 10.96 -19.63 21.76
N TYR C 69 11.57 -20.79 21.35
CA TYR C 69 11.20 -21.59 20.23
C TYR C 69 9.88 -22.24 20.36
N ASP C 70 9.21 -22.16 21.51
CA ASP C 70 7.84 -22.81 21.60
C ASP C 70 6.98 -21.90 20.74
N ASP C 71 7.66 -20.97 20.01
CA ASP C 71 6.88 -20.05 19.20
C ASP C 71 6.75 -20.54 17.76
N CYS C 72 7.64 -21.43 17.43
CA CYS C 72 7.72 -22.02 16.05
C CYS C 72 6.73 -23.17 16.06
N ARG C 73 5.51 -22.83 16.30
CA ARG C 73 4.39 -23.74 16.64
C ARG C 73 3.67 -23.88 15.33
N ASP C 74 2.78 -22.93 15.13
CA ASP C 74 2.13 -22.84 13.79
C ASP C 74 2.67 -21.57 13.07
N ALA C 75 3.98 -21.52 13.24
CA ALA C 75 4.92 -20.51 12.78
C ALA C 75 5.10 -20.76 11.30
N ASP C 76 4.57 -19.99 10.40
CA ASP C 76 4.56 -20.19 8.98
C ASP C 76 5.92 -20.28 8.30
N LEU C 77 6.79 -19.37 8.70
CA LEU C 77 8.14 -19.09 8.19
C LEU C 77 9.09 -18.67 9.27
N VAL C 78 10.29 -19.26 9.28
CA VAL C 78 11.38 -18.93 10.21
C VAL C 78 12.58 -18.32 9.50
N VAL C 79 12.87 -17.04 9.66
CA VAL C 79 13.99 -16.42 8.89
C VAL C 79 15.19 -16.50 9.82
N ILE C 80 16.30 -17.11 9.42
CA ILE C 80 17.43 -17.33 10.37
C ILE C 80 18.58 -16.41 9.92
N CYS C 81 18.61 -15.28 10.59
CA CYS C 81 19.49 -14.17 10.48
C CYS C 81 20.57 -14.22 11.52
N ALA C 82 20.82 -15.25 12.30
CA ALA C 82 21.86 -15.35 13.31
C ALA C 82 23.20 -15.82 12.78
N GLY C 83 24.24 -15.54 13.60
CA GLY C 83 25.58 -15.99 13.34
C GLY C 83 26.79 -15.14 13.44
N ALA C 84 27.94 -15.79 13.66
CA ALA C 84 29.24 -15.30 13.87
C ALA C 84 29.80 -14.35 12.83
N ASN C 85 31.12 -14.08 13.10
CA ASN C 85 31.82 -13.06 12.26
C ASN C 85 33.32 -13.29 12.08
N ASP C 94 36.25 -21.64 9.40
CA ASP C 94 36.29 -21.16 10.76
C ASP C 94 35.09 -20.24 11.11
N LEU C 95 34.30 -19.87 10.13
CA LEU C 95 33.01 -19.24 10.05
C LEU C 95 31.98 -20.42 9.88
N VAL C 96 32.27 -21.00 8.73
CA VAL C 96 31.48 -22.12 8.27
C VAL C 96 31.30 -23.09 9.43
N ASP C 97 32.35 -23.41 10.19
CA ASP C 97 32.17 -24.56 11.17
C ASP C 97 31.98 -24.00 12.62
N LYS C 98 31.65 -22.77 12.66
CA LYS C 98 31.38 -22.05 13.88
C LYS C 98 29.87 -21.84 13.84
N ASN C 99 29.57 -21.48 12.57
CA ASN C 99 28.25 -21.15 12.07
C ASN C 99 27.43 -22.41 11.95
N ILE C 100 27.92 -23.42 11.29
CA ILE C 100 27.22 -24.70 11.27
C ILE C 100 26.97 -25.17 12.67
N ALA C 101 27.70 -24.58 13.61
CA ALA C 101 27.71 -25.08 15.05
C ALA C 101 26.62 -24.37 15.78
N ILE C 102 26.54 -23.08 15.43
CA ILE C 102 25.48 -22.17 15.98
C ILE C 102 24.17 -22.71 15.42
N PHE C 103 24.13 -22.89 14.10
CA PHE C 103 23.00 -23.36 13.36
C PHE C 103 22.53 -24.74 13.85
N ARG C 104 23.59 -25.51 14.16
CA ARG C 104 23.24 -26.91 14.65
C ARG C 104 22.31 -26.71 15.82
N SER C 105 22.46 -25.63 16.58
CA SER C 105 21.43 -25.49 17.71
C SER C 105 20.17 -24.80 17.35
N ILE C 106 20.17 -23.90 16.38
CA ILE C 106 18.93 -23.11 16.13
C ILE C 106 17.93 -24.10 15.59
N VAL C 107 18.34 -24.85 14.57
CA VAL C 107 17.41 -25.79 13.87
C VAL C 107 16.93 -26.88 14.78
N GLU C 108 17.84 -27.41 15.60
CA GLU C 108 17.46 -28.56 16.46
C GLU C 108 16.29 -28.11 17.29
N SER C 109 16.38 -26.92 17.85
CA SER C 109 15.31 -26.32 18.69
C SER C 109 14.07 -25.78 18.03
N VAL C 110 14.02 -25.42 16.82
CA VAL C 110 12.77 -24.91 16.21
C VAL C 110 12.01 -26.22 15.89
N MET C 111 12.87 -27.23 15.82
CA MET C 111 12.26 -28.50 15.27
C MET C 111 11.55 -29.14 16.46
N ALA C 112 12.23 -29.17 17.58
CA ALA C 112 11.63 -29.65 18.83
C ALA C 112 10.17 -29.23 18.99
N SER C 113 9.76 -28.07 18.64
CA SER C 113 8.33 -27.70 18.84
C SER C 113 7.59 -28.21 17.63
N GLY C 114 8.13 -29.17 16.95
CA GLY C 114 7.47 -29.77 15.79
C GLY C 114 7.01 -28.74 14.78
N PHE C 115 7.96 -28.08 14.18
CA PHE C 115 7.75 -27.05 13.14
C PHE C 115 7.37 -27.76 11.86
N GLN C 116 6.49 -27.28 11.03
CA GLN C 116 5.97 -27.72 9.79
C GLN C 116 6.37 -26.80 8.64
N GLY C 117 6.80 -25.61 8.96
CA GLY C 117 7.03 -24.52 8.10
C GLY C 117 8.11 -24.57 7.15
N LEU C 118 8.61 -23.39 6.87
CA LEU C 118 9.66 -23.08 5.89
C LEU C 118 10.84 -22.39 6.55
N PHE C 119 12.06 -22.69 6.11
CA PHE C 119 13.24 -21.97 6.62
C PHE C 119 13.71 -20.90 5.69
N LEU C 120 13.96 -19.66 6.17
CA LEU C 120 14.62 -18.70 5.11
C LEU C 120 15.89 -18.23 5.83
N VAL C 121 16.95 -18.70 5.18
CA VAL C 121 18.32 -18.47 5.80
C VAL C 121 19.02 -17.30 5.10
N ALA C 122 19.26 -16.28 5.99
CA ALA C 122 19.99 -15.13 5.50
C ALA C 122 21.47 -15.14 5.94
N THR C 123 22.08 -15.97 6.65
CA THR C 123 23.41 -15.77 7.19
C THR C 123 24.52 -16.20 6.32
N ASN C 124 25.46 -15.27 5.98
CA ASN C 124 26.69 -15.81 5.19
C ASN C 124 27.35 -16.88 6.07
N PRO C 125 28.02 -17.84 5.51
CA PRO C 125 28.22 -18.01 4.06
C PRO C 125 26.93 -18.70 3.71
N VAL C 126 25.88 -18.17 3.24
CA VAL C 126 24.60 -18.77 3.05
C VAL C 126 24.38 -20.01 2.24
N ASP C 127 24.97 -20.12 1.04
CA ASP C 127 24.59 -21.34 0.17
C ASP C 127 25.05 -22.48 1.01
N ILE C 128 26.07 -22.30 1.83
CA ILE C 128 26.54 -23.39 2.67
C ILE C 128 25.67 -23.62 3.90
N LEU C 129 25.30 -22.49 4.55
CA LEU C 129 24.47 -22.67 5.76
C LEU C 129 23.06 -23.10 5.37
N THR C 130 22.75 -22.98 4.08
CA THR C 130 21.38 -23.27 3.66
C THR C 130 21.29 -24.77 3.51
N TYR C 131 22.42 -25.33 3.13
CA TYR C 131 22.48 -26.83 2.88
C TYR C 131 22.44 -27.52 4.24
N ALA C 132 23.08 -26.86 5.21
CA ALA C 132 23.24 -27.39 6.56
C ALA C 132 21.94 -27.36 7.26
N THR C 133 21.21 -26.27 6.88
CA THR C 133 19.86 -26.12 7.57
C THR C 133 19.02 -27.29 7.13
N TRP C 134 19.20 -27.69 5.87
CA TRP C 134 18.37 -28.75 5.27
C TRP C 134 18.81 -30.02 5.94
N LYS C 135 20.08 -30.34 5.97
CA LYS C 135 20.63 -31.50 6.67
C LYS C 135 20.26 -31.55 8.15
N PHE C 136 20.15 -30.45 8.85
CA PHE C 136 19.82 -30.47 10.27
C PHE C 136 18.33 -30.54 10.56
N SER C 137 17.45 -30.23 9.69
CA SER C 137 16.02 -30.22 10.10
C SER C 137 15.31 -31.50 9.72
N GLY C 138 15.53 -32.00 8.53
CA GLY C 138 14.84 -33.23 8.05
C GLY C 138 14.23 -32.85 6.65
N LEU C 139 13.49 -31.80 6.71
CA LEU C 139 12.65 -31.28 5.71
C LEU C 139 13.06 -31.49 4.27
N PRO C 140 12.05 -31.78 3.45
CA PRO C 140 12.24 -31.79 2.03
C PRO C 140 12.94 -30.43 1.77
N HIS C 141 13.80 -30.45 0.78
CA HIS C 141 14.67 -29.38 0.32
C HIS C 141 13.85 -28.32 -0.42
N GLU C 142 12.54 -28.33 -0.39
CA GLU C 142 11.83 -27.34 -1.20
C GLU C 142 11.27 -26.37 -0.14
N ARG C 143 11.52 -26.81 1.07
CA ARG C 143 10.97 -26.12 2.24
C ARG C 143 12.07 -25.34 2.97
N VAL C 144 13.33 -25.47 2.53
CA VAL C 144 14.51 -24.80 3.04
C VAL C 144 15.17 -23.93 1.92
N ILE C 145 14.96 -22.63 2.14
CA ILE C 145 15.31 -21.63 1.12
C ILE C 145 16.48 -20.85 1.74
N GLY C 146 17.23 -20.29 0.92
CA GLY C 146 18.39 -19.52 1.12
C GLY C 146 18.29 -18.14 0.37
N SER C 147 18.84 -17.15 1.05
CA SER C 147 18.77 -15.76 0.64
C SER C 147 19.25 -15.58 -0.76
N GLY C 148 20.23 -16.36 -1.17
CA GLY C 148 21.02 -16.49 -2.38
C GLY C 148 21.55 -15.32 -3.08
N THR C 149 21.54 -15.28 -4.40
CA THR C 149 21.97 -14.19 -5.21
C THR C 149 20.81 -13.17 -5.44
N ILE C 150 19.80 -13.22 -4.65
CA ILE C 150 18.70 -12.29 -4.65
C ILE C 150 19.13 -10.84 -4.57
N LEU C 151 20.15 -10.45 -3.96
CA LEU C 151 20.41 -9.00 -3.69
C LEU C 151 21.44 -8.63 -4.72
N ASP C 152 22.10 -9.71 -5.11
CA ASP C 152 23.17 -9.59 -6.12
C ASP C 152 22.51 -9.11 -7.42
N THR C 153 21.36 -9.75 -7.78
CA THR C 153 20.68 -9.47 -9.05
C THR C 153 19.86 -8.26 -8.88
N ALA C 154 19.55 -7.86 -7.66
CA ALA C 154 18.97 -6.52 -7.37
C ALA C 154 20.09 -5.51 -7.65
N ARG C 155 21.29 -5.74 -7.11
CA ARG C 155 22.35 -4.71 -7.28
C ARG C 155 22.50 -4.55 -8.77
N PHE C 156 22.57 -5.61 -9.49
CA PHE C 156 22.80 -5.78 -10.93
C PHE C 156 21.73 -4.93 -11.63
N ARG C 157 20.50 -5.31 -11.57
CA ARG C 157 19.36 -4.62 -12.10
C ARG C 157 19.24 -3.15 -11.72
N PHE C 158 19.67 -2.69 -10.63
CA PHE C 158 19.77 -1.29 -10.23
C PHE C 158 20.87 -0.64 -11.10
N LEU C 159 22.12 -0.93 -11.07
CA LEU C 159 23.14 -0.39 -11.93
C LEU C 159 22.80 -0.44 -13.42
N LEU C 160 22.28 -1.51 -13.96
CA LEU C 160 22.00 -1.49 -15.44
C LEU C 160 20.82 -0.53 -15.68
N GLY C 161 19.82 -0.59 -14.80
CA GLY C 161 18.67 0.26 -14.81
C GLY C 161 19.07 1.72 -14.82
N GLU C 162 20.20 2.04 -14.27
CA GLU C 162 20.72 3.41 -14.14
C GLU C 162 21.49 3.82 -15.38
N TYR C 163 22.13 2.87 -15.96
CA TYR C 163 22.89 2.95 -17.22
C TYR C 163 21.95 3.33 -18.37
N PHE C 164 20.93 2.59 -18.61
CA PHE C 164 19.90 2.81 -19.63
C PHE C 164 18.90 3.87 -19.19
N SER C 165 19.06 4.27 -17.98
CA SER C 165 18.18 5.21 -17.32
C SER C 165 16.75 4.71 -17.39
N VAL C 166 16.54 3.38 -17.30
CA VAL C 166 15.12 2.91 -17.25
C VAL C 166 14.83 2.54 -15.81
N ALA C 167 13.88 1.72 -15.54
CA ALA C 167 13.48 1.44 -14.12
C ALA C 167 13.88 0.00 -13.89
N PRO C 168 14.65 -0.21 -12.83
CA PRO C 168 15.23 -1.52 -12.54
C PRO C 168 14.25 -2.64 -12.78
N GLN C 169 12.97 -2.38 -12.64
CA GLN C 169 11.90 -3.41 -12.73
C GLN C 169 11.55 -3.82 -14.15
N ASN C 170 12.07 -3.20 -15.12
CA ASN C 170 12.04 -3.44 -16.54
C ASN C 170 13.39 -4.11 -16.90
N VAL C 171 14.48 -3.92 -16.21
CA VAL C 171 15.68 -4.77 -16.50
C VAL C 171 15.45 -6.25 -16.13
N HIS C 172 15.73 -7.16 -17.00
CA HIS C 172 15.59 -8.59 -16.58
C HIS C 172 16.97 -9.22 -16.78
N ALA C 173 17.72 -9.40 -15.68
CA ALA C 173 19.08 -9.89 -15.74
C ALA C 173 19.38 -10.52 -14.35
N TYR C 174 19.90 -11.72 -14.37
CA TYR C 174 20.25 -12.54 -13.26
C TYR C 174 21.76 -12.61 -12.92
N ILE C 175 22.05 -12.81 -11.65
CA ILE C 175 23.37 -13.24 -11.09
C ILE C 175 23.16 -14.60 -10.41
N ILE C 176 23.85 -15.61 -10.86
CA ILE C 176 23.64 -17.04 -10.35
C ILE C 176 24.96 -17.56 -9.89
N GLY C 177 25.02 -18.65 -9.22
CA GLY C 177 26.30 -19.25 -8.70
C GLY C 177 26.37 -19.03 -7.22
N GLU C 178 27.52 -18.76 -6.64
CA GLU C 178 27.64 -18.60 -5.19
C GLU C 178 27.54 -17.16 -4.80
N HIS C 179 26.90 -17.00 -3.62
CA HIS C 179 26.65 -15.61 -3.11
C HIS C 179 28.05 -15.14 -2.66
N GLY C 180 28.89 -14.66 -3.57
CA GLY C 180 30.23 -14.37 -3.11
C GLY C 180 31.09 -14.11 -4.29
N ASP C 181 32.32 -14.54 -4.19
CA ASP C 181 33.30 -14.30 -5.25
C ASP C 181 33.05 -14.97 -6.59
N THR C 182 32.56 -16.20 -6.55
CA THR C 182 32.39 -16.99 -7.73
C THR C 182 31.13 -16.79 -8.52
N GLU C 183 30.28 -15.93 -8.05
CA GLU C 183 28.96 -15.73 -8.74
C GLU C 183 29.32 -15.22 -10.11
N LEU C 184 28.56 -15.49 -11.11
CA LEU C 184 28.77 -14.99 -12.49
C LEU C 184 27.45 -14.39 -12.87
N PRO C 185 27.43 -13.47 -13.79
CA PRO C 185 26.22 -12.92 -14.35
C PRO C 185 25.89 -13.74 -15.58
N VAL C 186 24.64 -13.82 -15.90
CA VAL C 186 24.05 -14.52 -17.06
C VAL C 186 23.75 -13.41 -18.10
N TRP C 187 24.84 -13.08 -18.81
CA TRP C 187 24.93 -12.10 -19.83
C TRP C 187 24.11 -12.44 -21.06
N SER C 188 24.10 -13.68 -21.48
CA SER C 188 23.44 -14.07 -22.72
C SER C 188 21.95 -13.95 -22.59
N GLN C 189 21.28 -14.02 -21.50
CA GLN C 189 19.85 -13.88 -21.38
C GLN C 189 19.49 -12.75 -20.36
N ALA C 190 20.01 -11.57 -20.73
CA ALA C 190 19.77 -10.35 -19.96
C ALA C 190 19.06 -9.39 -20.88
N TYR C 191 17.86 -9.04 -20.63
CA TYR C 191 17.09 -8.16 -21.55
C TYR C 191 16.72 -6.87 -20.84
N ILE C 192 16.28 -5.91 -21.58
CA ILE C 192 15.74 -4.61 -21.01
C ILE C 192 14.38 -4.53 -21.71
N GLY C 193 13.34 -4.88 -20.99
CA GLY C 193 12.01 -5.06 -21.72
C GLY C 193 12.24 -6.42 -22.41
N VAL C 194 12.25 -6.52 -23.69
CA VAL C 194 12.40 -7.79 -24.44
C VAL C 194 13.54 -7.59 -25.42
N MET C 195 14.25 -6.51 -25.18
CA MET C 195 15.38 -6.17 -26.11
C MET C 195 16.66 -6.55 -25.39
N PRO C 196 17.31 -7.58 -25.85
CA PRO C 196 18.62 -7.98 -25.35
C PRO C 196 19.54 -6.80 -25.29
N ILE C 197 20.70 -6.95 -24.72
CA ILE C 197 21.81 -5.95 -24.84
C ILE C 197 22.81 -6.49 -25.87
N ASP C 211 31.39 0.68 -19.93
CA ASP C 211 31.40 -0.76 -19.82
C ASP C 211 30.37 -1.35 -18.82
N LEU C 212 29.93 -2.56 -19.18
CA LEU C 212 29.08 -3.44 -18.53
C LEU C 212 29.99 -4.49 -17.88
N GLU C 213 31.20 -4.73 -18.29
CA GLU C 213 31.93 -5.75 -17.42
C GLU C 213 32.38 -5.13 -16.13
N ARG C 214 32.28 -3.86 -16.03
CA ARG C 214 32.65 -2.94 -14.96
C ARG C 214 31.51 -3.00 -14.00
N ILE C 215 30.31 -2.64 -14.51
CA ILE C 215 29.09 -2.77 -13.74
C ILE C 215 29.05 -4.05 -12.89
N PHE C 216 29.32 -5.17 -13.51
CA PHE C 216 29.35 -6.48 -12.86
C PHE C 216 30.51 -6.49 -11.84
N VAL C 217 31.63 -5.92 -12.01
CA VAL C 217 32.72 -5.95 -11.03
C VAL C 217 32.30 -5.11 -9.85
N ASN C 218 31.49 -4.12 -10.00
CA ASN C 218 30.90 -3.29 -8.94
C ASN C 218 29.75 -4.05 -8.31
N VAL C 219 29.08 -4.91 -9.06
CA VAL C 219 28.05 -5.73 -8.39
C VAL C 219 28.62 -6.73 -7.38
N ARG C 220 29.79 -7.24 -7.56
CA ARG C 220 30.43 -8.32 -6.85
C ARG C 220 31.35 -7.83 -5.74
N ASP C 221 31.97 -6.67 -5.91
CA ASP C 221 32.75 -6.08 -4.81
C ASP C 221 31.80 -5.07 -4.18
N ALA C 222 30.50 -5.29 -4.04
CA ALA C 222 29.61 -4.22 -3.52
C ALA C 222 29.49 -4.15 -2.01
N ALA C 223 29.57 -5.26 -1.35
CA ALA C 223 29.47 -5.51 0.07
C ALA C 223 30.63 -4.84 0.78
N TYR C 224 31.82 -5.24 0.28
CA TYR C 224 33.14 -4.75 0.70
C TYR C 224 33.17 -3.22 0.59
N GLN C 225 32.46 -2.80 -0.47
CA GLN C 225 32.40 -1.37 -0.78
C GLN C 225 31.49 -0.64 0.14
N ILE C 226 30.42 -1.25 0.63
CA ILE C 226 29.47 -0.48 1.49
C ILE C 226 29.91 -0.66 2.91
N ILE C 227 30.65 -1.72 3.13
CA ILE C 227 31.10 -2.19 4.47
C ILE C 227 32.25 -1.32 4.98
N GLU C 228 33.01 -0.90 3.96
CA GLU C 228 34.17 -0.09 4.18
C GLU C 228 33.71 1.29 4.59
N LYS C 229 32.52 1.76 4.21
CA LYS C 229 32.15 3.15 4.51
C LYS C 229 31.05 3.31 5.55
N LYS C 230 30.54 2.24 6.11
CA LYS C 230 29.46 2.30 7.08
C LYS C 230 29.46 1.05 7.95
N GLY C 231 30.56 0.29 7.86
CA GLY C 231 30.74 -0.89 8.68
C GLY C 231 29.97 -2.08 8.34
N ALA C 232 28.75 -2.01 7.75
CA ALA C 232 28.06 -3.32 7.49
C ALA C 232 26.87 -3.13 6.56
N THR C 233 26.52 -4.19 5.83
CA THR C 233 25.33 -4.23 5.03
C THR C 233 24.11 -4.84 5.78
N TYR C 234 22.96 -4.21 5.50
CA TYR C 234 21.71 -4.71 6.13
C TYR C 234 20.46 -4.23 5.47
N TYR C 235 20.20 -3.06 5.03
CA TYR C 235 18.93 -2.65 4.35
C TYR C 235 18.77 -3.41 3.02
N GLY C 236 19.80 -3.38 2.20
CA GLY C 236 19.85 -4.14 0.95
C GLY C 236 19.10 -5.46 1.08
N ILE C 237 19.78 -6.35 1.73
CA ILE C 237 19.21 -7.70 1.95
C ILE C 237 17.82 -7.70 2.54
N ALA C 238 17.52 -7.15 3.69
CA ALA C 238 16.17 -7.20 4.32
C ALA C 238 15.14 -6.99 3.28
N MET C 239 15.37 -6.02 2.41
CA MET C 239 14.39 -5.66 1.36
C MET C 239 14.23 -6.94 0.52
N GLY C 240 15.32 -7.58 0.22
CA GLY C 240 15.36 -8.84 -0.58
C GLY C 240 14.73 -9.97 0.17
N LEU C 241 14.74 -9.95 1.45
CA LEU C 241 14.25 -10.93 2.40
C LEU C 241 12.78 -10.68 2.60
N ALA C 242 12.37 -9.41 2.38
CA ALA C 242 10.98 -9.03 2.46
C ALA C 242 10.26 -9.49 1.20
N ARG C 243 10.77 -9.55 0.01
CA ARG C 243 10.19 -10.02 -1.22
C ARG C 243 9.94 -11.52 -1.26
N VAL C 244 10.95 -12.40 -1.07
CA VAL C 244 10.77 -13.86 -0.94
C VAL C 244 9.66 -14.12 0.10
N THR C 245 9.64 -13.32 1.18
CA THR C 245 8.59 -13.54 2.19
C THR C 245 7.28 -13.23 1.47
N ARG C 246 7.26 -12.16 0.72
CA ARG C 246 6.07 -11.82 0.00
C ARG C 246 5.67 -13.06 -0.85
N ALA C 247 6.61 -13.60 -1.65
CA ALA C 247 6.35 -14.68 -2.55
C ALA C 247 5.78 -15.83 -1.77
N ILE C 248 6.25 -16.11 -0.64
CA ILE C 248 5.79 -17.32 0.11
C ILE C 248 4.39 -17.01 0.56
N LEU C 249 4.33 -15.88 1.33
CA LEU C 249 3.09 -15.70 2.15
C LEU C 249 1.86 -15.52 1.28
N HIS C 250 2.01 -14.97 0.09
CA HIS C 250 1.01 -14.70 -0.89
C HIS C 250 0.98 -15.71 -2.05
N ASN C 251 1.61 -16.83 -2.03
CA ASN C 251 1.55 -17.79 -3.18
C ASN C 251 1.91 -17.11 -4.53
N GLU C 252 2.99 -16.38 -4.63
CA GLU C 252 3.12 -15.59 -5.86
C GLU C 252 3.34 -16.47 -7.06
N ASN C 253 4.25 -17.37 -6.99
CA ASN C 253 4.75 -18.17 -8.13
C ASN C 253 5.76 -17.21 -8.80
N ALA C 254 6.50 -16.56 -7.89
CA ALA C 254 7.49 -15.61 -8.44
C ALA C 254 8.77 -16.26 -8.91
N ILE C 255 9.35 -15.72 -10.02
CA ILE C 255 10.67 -16.21 -10.38
C ILE C 255 11.70 -15.24 -9.73
N LEU C 256 12.28 -15.71 -8.66
CA LEU C 256 13.28 -15.11 -7.81
C LEU C 256 14.60 -15.83 -7.84
N THR C 257 15.72 -15.16 -7.93
CA THR C 257 16.98 -16.03 -7.94
C THR C 257 17.48 -16.41 -6.58
N VAL C 258 17.01 -17.37 -5.85
CA VAL C 258 17.38 -17.82 -4.55
C VAL C 258 18.47 -18.90 -4.55
N SER C 259 18.74 -19.52 -3.39
CA SER C 259 19.64 -20.58 -3.07
C SER C 259 18.73 -21.86 -2.94
N ALA C 260 18.62 -22.55 -4.03
CA ALA C 260 17.82 -23.73 -4.24
C ALA C 260 18.83 -24.88 -4.29
N TYR C 261 18.39 -26.10 -4.05
CA TYR C 261 19.12 -27.32 -4.08
C TYR C 261 19.10 -27.92 -5.46
N LEU C 262 20.25 -28.21 -6.02
CA LEU C 262 20.36 -28.77 -7.36
C LEU C 262 20.35 -30.28 -7.36
N ASP C 263 19.45 -30.89 -8.03
CA ASP C 263 18.76 -31.95 -8.55
C ASP C 263 19.43 -32.79 -9.67
N GLY C 264 20.40 -32.14 -10.32
CA GLY C 264 20.97 -32.69 -11.58
C GLY C 264 20.41 -31.72 -12.63
N LEU C 265 20.27 -30.47 -12.17
CA LEU C 265 19.69 -29.46 -13.06
C LEU C 265 20.81 -28.72 -13.71
N TYR C 266 21.70 -28.08 -13.11
CA TYR C 266 22.61 -27.30 -14.10
C TYR C 266 23.71 -28.28 -14.45
N GLY C 267 23.47 -29.51 -14.10
CA GLY C 267 24.67 -30.44 -14.25
C GLY C 267 25.03 -30.79 -12.78
N GLU C 268 24.60 -30.25 -11.70
CA GLU C 268 25.08 -30.56 -10.39
C GLU C 268 24.21 -31.46 -9.56
N ARG C 269 24.79 -32.22 -8.56
CA ARG C 269 23.96 -33.24 -7.92
C ARG C 269 23.85 -33.03 -6.45
N ASP C 270 24.43 -32.18 -5.73
CA ASP C 270 24.15 -32.20 -4.24
C ASP C 270 24.90 -31.00 -3.64
N VAL C 271 24.30 -29.86 -3.72
CA VAL C 271 24.77 -28.55 -3.42
C VAL C 271 23.52 -27.69 -3.36
N TYR C 272 23.68 -26.54 -2.70
CA TYR C 272 22.59 -25.50 -2.71
C TYR C 272 23.29 -24.37 -3.42
N ILE C 273 22.86 -23.78 -4.44
CA ILE C 273 23.54 -22.62 -5.07
C ILE C 273 22.46 -21.68 -5.53
N GLY C 274 22.75 -20.51 -5.98
CA GLY C 274 21.92 -19.39 -6.35
C GLY C 274 21.42 -19.62 -7.78
N VAL C 275 20.11 -19.75 -7.89
CA VAL C 275 19.56 -20.10 -9.23
C VAL C 275 18.12 -19.70 -9.38
N PRO C 276 17.59 -19.42 -10.57
CA PRO C 276 16.22 -18.96 -10.75
C PRO C 276 15.22 -19.95 -10.16
N ALA C 277 14.45 -19.72 -9.13
CA ALA C 277 13.51 -20.83 -8.73
C ALA C 277 12.17 -20.16 -8.70
N VAL C 278 11.07 -20.87 -8.75
CA VAL C 278 9.73 -20.30 -8.76
C VAL C 278 9.22 -20.31 -7.33
N ILE C 279 8.76 -19.23 -6.74
CA ILE C 279 8.45 -19.30 -5.27
C ILE C 279 6.99 -19.29 -4.98
N ASN C 280 6.53 -19.85 -3.87
CA ASN C 280 5.04 -19.78 -3.69
C ASN C 280 4.83 -20.34 -2.33
N ARG C 281 3.68 -20.39 -1.70
CA ARG C 281 3.39 -20.71 -0.35
C ARG C 281 3.99 -21.95 0.20
N ASN C 282 4.14 -22.94 -0.59
CA ASN C 282 4.68 -24.24 -0.14
C ASN C 282 6.13 -24.39 -0.51
N GLY C 283 6.96 -23.38 -0.49
CA GLY C 283 8.40 -23.44 -0.64
C GLY C 283 8.88 -23.30 -2.01
N ILE C 284 9.86 -23.94 -2.55
CA ILE C 284 10.23 -23.81 -4.00
C ILE C 284 9.37 -24.69 -4.82
N ARG C 285 8.95 -24.32 -5.99
CA ARG C 285 8.09 -25.10 -6.88
C ARG C 285 8.99 -25.92 -7.78
N GLU C 286 9.87 -25.10 -8.38
CA GLU C 286 10.74 -25.75 -9.41
C GLU C 286 11.85 -24.83 -9.76
N VAL C 287 13.03 -25.36 -9.93
CA VAL C 287 14.26 -24.58 -10.30
C VAL C 287 14.26 -24.40 -11.79
N ILE C 288 14.42 -23.34 -12.41
CA ILE C 288 14.46 -23.21 -13.87
C ILE C 288 15.93 -23.43 -14.36
N GLU C 289 16.09 -24.08 -15.49
CA GLU C 289 17.38 -24.10 -16.14
C GLU C 289 17.47 -23.02 -17.22
N ILE C 290 17.77 -21.81 -16.96
CA ILE C 290 18.02 -20.84 -18.11
C ILE C 290 19.05 -21.53 -18.96
N GLU C 291 19.09 -21.35 -20.25
CA GLU C 291 20.14 -21.90 -21.17
C GLU C 291 21.40 -21.03 -21.22
N LEU C 292 22.49 -21.63 -20.77
CA LEU C 292 23.74 -20.94 -20.56
C LEU C 292 24.69 -21.09 -21.72
N ASN C 293 25.38 -19.97 -21.84
CA ASN C 293 26.40 -19.75 -22.90
C ASN C 293 27.34 -20.89 -22.61
N ASP C 294 28.59 -20.65 -22.91
CA ASP C 294 29.63 -21.70 -22.49
C ASP C 294 30.15 -21.03 -21.21
N ASP C 295 29.16 -20.38 -20.51
CA ASP C 295 29.25 -19.62 -19.22
C ASP C 295 28.69 -20.62 -18.17
N GLU C 296 28.73 -21.81 -18.65
CA GLU C 296 28.35 -23.09 -18.11
C GLU C 296 29.46 -23.71 -17.27
N LYS C 297 29.52 -25.02 -17.46
CA LYS C 297 30.49 -25.93 -16.76
C LYS C 297 31.84 -25.24 -16.89
N ASN C 298 31.70 -23.97 -16.42
CA ASN C 298 32.85 -23.10 -16.38
C ASN C 298 32.76 -22.09 -15.26
N ARG C 299 31.81 -21.19 -15.34
CA ARG C 299 31.67 -20.19 -14.24
C ARG C 299 30.78 -20.88 -13.23
N PHE C 300 29.65 -21.42 -13.65
CA PHE C 300 28.69 -22.09 -12.79
C PHE C 300 29.22 -23.41 -12.25
N HIS C 301 29.95 -24.10 -13.13
CA HIS C 301 30.51 -25.42 -12.64
C HIS C 301 31.54 -25.21 -11.58
N HIS C 302 32.32 -24.10 -11.84
CA HIS C 302 33.45 -23.66 -11.04
C HIS C 302 32.95 -23.31 -9.64
N SER C 303 31.92 -22.51 -9.61
CA SER C 303 31.15 -21.99 -8.54
C SER C 303 30.57 -23.15 -7.75
N ALA C 304 29.75 -23.96 -8.44
CA ALA C 304 29.20 -25.18 -7.77
C ALA C 304 30.31 -25.97 -7.10
N ALA C 305 31.43 -26.06 -7.75
CA ALA C 305 32.58 -26.88 -7.28
C ALA C 305 33.19 -26.28 -6.04
N THR C 306 33.39 -24.97 -6.01
CA THR C 306 33.95 -24.25 -4.89
C THR C 306 33.20 -24.54 -3.59
N LEU C 307 31.86 -24.62 -3.74
CA LEU C 307 30.99 -24.86 -2.60
C LEU C 307 30.90 -26.35 -2.27
N LYS C 308 30.94 -27.17 -3.28
CA LYS C 308 30.56 -28.60 -3.16
C LYS C 308 31.53 -29.25 -2.26
N SER C 309 32.59 -28.48 -2.12
CA SER C 309 33.81 -28.95 -1.41
C SER C 309 34.04 -28.36 -0.06
N VAL C 310 33.51 -27.13 0.19
CA VAL C 310 33.51 -26.52 1.50
C VAL C 310 32.58 -27.45 2.33
N LEU C 311 31.70 -28.12 1.66
CA LEU C 311 30.71 -28.96 2.41
C LEU C 311 31.40 -30.23 2.87
N ALA C 312 32.57 -30.49 2.28
CA ALA C 312 33.24 -31.86 2.60
C ALA C 312 34.36 -31.48 3.55
N ARG C 313 35.07 -30.42 3.17
CA ARG C 313 36.05 -29.77 4.04
C ARG C 313 35.45 -29.34 5.37
N ALA C 314 34.29 -28.71 5.36
CA ALA C 314 33.52 -28.26 6.52
C ALA C 314 32.62 -29.37 7.16
N PHE C 315 31.77 -28.93 8.08
CA PHE C 315 30.76 -29.76 8.75
C PHE C 315 31.01 -30.00 10.23
N THR C 316 31.52 -31.19 10.48
CA THR C 316 31.98 -31.73 11.78
C THR C 316 31.40 -31.10 13.00
N ARG C 317 32.19 -30.51 13.91
CA ARG C 317 31.60 -29.78 15.06
C ARG C 317 31.18 -28.35 14.56
N MET D 1 1.94 -28.81 -1.58
CA MET D 1 0.63 -29.54 -1.56
C MET D 1 -0.02 -29.34 -2.92
N LYS D 2 -1.22 -28.83 -2.94
CA LYS D 2 -1.90 -28.50 -4.24
C LYS D 2 -1.57 -27.02 -4.40
N ASN D 3 -2.54 -26.23 -4.72
CA ASN D 3 -2.32 -24.74 -4.74
C ASN D 3 -3.36 -24.24 -3.71
N ASN D 4 -2.82 -23.75 -2.62
CA ASN D 4 -3.40 -23.26 -1.40
C ASN D 4 -4.53 -22.26 -1.50
N GLY D 5 -4.88 -21.79 -0.30
CA GLY D 5 -5.89 -20.69 -0.17
C GLY D 5 -5.44 -19.86 1.07
N GLY D 6 -6.38 -19.77 2.04
CA GLY D 6 -5.94 -19.19 3.34
C GLY D 6 -6.88 -18.04 3.72
N ALA D 7 -7.04 -17.18 2.70
CA ALA D 7 -7.97 -16.04 2.88
C ALA D 7 -8.84 -15.96 1.61
N ARG D 8 -9.88 -16.71 1.52
CA ARG D 8 -10.84 -16.69 0.45
C ARG D 8 -12.17 -15.99 0.84
N VAL D 9 -12.72 -15.20 -0.04
CA VAL D 9 -13.89 -14.39 -0.03
C VAL D 9 -14.78 -14.83 -1.24
N VAL D 10 -16.03 -15.17 -0.92
CA VAL D 10 -17.00 -15.56 -1.94
C VAL D 10 -18.09 -14.52 -1.95
N VAL D 11 -18.23 -13.81 -3.04
CA VAL D 11 -19.26 -12.78 -3.12
C VAL D 11 -20.45 -13.38 -3.87
N ILE D 12 -21.57 -13.53 -3.29
CA ILE D 12 -22.79 -13.97 -3.89
C ILE D 12 -23.49 -12.69 -4.36
N GLY D 13 -23.56 -12.51 -5.66
CA GLY D 13 -24.06 -11.39 -6.34
C GLY D 13 -22.94 -10.50 -6.90
N ALA D 14 -22.61 -10.90 -8.14
CA ALA D 14 -21.64 -10.08 -8.91
C ALA D 14 -22.54 -9.03 -9.58
N GLY D 15 -22.86 -7.92 -8.99
CA GLY D 15 -23.70 -6.84 -9.61
C GLY D 15 -23.00 -5.58 -9.17
N PHE D 16 -23.51 -4.42 -9.02
CA PHE D 16 -22.82 -3.19 -8.70
C PHE D 16 -22.07 -3.19 -7.42
N VAL D 17 -22.63 -3.64 -6.38
CA VAL D 17 -22.06 -3.73 -5.05
C VAL D 17 -21.04 -4.83 -5.04
N GLY D 18 -21.33 -5.95 -5.61
CA GLY D 18 -20.54 -7.16 -5.62
C GLY D 18 -19.24 -6.86 -6.35
N ALA D 19 -19.39 -6.46 -7.57
CA ALA D 19 -18.42 -6.06 -8.55
C ALA D 19 -17.50 -4.96 -8.03
N SER D 20 -18.01 -3.95 -7.44
CA SER D 20 -17.24 -2.76 -6.97
C SER D 20 -16.53 -3.12 -5.68
N TYR D 21 -17.02 -4.25 -5.13
CA TYR D 21 -16.49 -4.72 -3.80
C TYR D 21 -15.20 -5.48 -4.11
N VAL D 22 -15.35 -6.48 -4.99
CA VAL D 22 -14.29 -7.21 -5.58
C VAL D 22 -13.17 -6.23 -6.08
N PHE D 23 -13.51 -5.26 -6.91
CA PHE D 23 -12.55 -4.33 -7.49
C PHE D 23 -11.83 -3.56 -6.38
N ALA D 24 -12.41 -3.56 -5.21
CA ALA D 24 -11.91 -2.77 -4.07
C ALA D 24 -10.81 -3.54 -3.43
N LEU D 25 -11.25 -4.78 -3.13
CA LEU D 25 -10.38 -5.79 -2.51
C LEU D 25 -9.14 -5.87 -3.40
N MET D 26 -9.35 -6.09 -4.64
CA MET D 26 -8.34 -6.23 -5.70
C MET D 26 -7.35 -5.10 -5.72
N ASN D 27 -7.89 -3.91 -5.77
CA ASN D 27 -7.01 -2.74 -5.82
C ASN D 27 -6.47 -2.47 -4.43
N GLN D 28 -6.92 -3.10 -3.38
CA GLN D 28 -6.39 -2.85 -2.03
C GLN D 28 -5.43 -3.96 -1.67
N GLY D 29 -5.36 -5.06 -2.36
CA GLY D 29 -4.45 -6.20 -2.17
C GLY D 29 -4.83 -6.82 -0.81
N ILE D 30 -6.17 -6.91 -0.60
CA ILE D 30 -6.75 -7.45 0.58
C ILE D 30 -6.91 -8.96 0.54
N ALA D 31 -7.53 -9.62 -0.39
CA ALA D 31 -7.68 -11.09 -0.16
C ALA D 31 -6.80 -11.94 -1.04
N ASP D 32 -6.63 -13.23 -0.76
CA ASP D 32 -5.80 -14.06 -1.70
C ASP D 32 -6.60 -14.52 -2.95
N GLU D 33 -7.59 -15.35 -2.76
CA GLU D 33 -8.51 -15.90 -3.68
C GLU D 33 -9.80 -15.14 -3.51
N ILE D 34 -10.57 -14.85 -4.50
CA ILE D 34 -11.79 -14.10 -4.48
C ILE D 34 -12.67 -14.82 -5.51
N VAL D 35 -13.69 -15.52 -5.07
CA VAL D 35 -14.64 -16.30 -5.88
C VAL D 35 -15.98 -15.59 -6.01
N LEU D 36 -16.56 -15.67 -7.18
CA LEU D 36 -17.74 -14.78 -7.46
C LEU D 36 -18.76 -15.76 -7.96
N ILE D 37 -19.97 -15.75 -7.45
CA ILE D 37 -21.10 -16.63 -7.69
C ILE D 37 -22.29 -15.71 -7.90
N ASP D 38 -22.97 -16.01 -9.00
CA ASP D 38 -24.21 -15.10 -9.27
C ASP D 38 -25.16 -16.09 -9.96
N ALA D 39 -26.44 -16.00 -9.84
CA ALA D 39 -27.34 -16.92 -10.55
C ALA D 39 -27.45 -16.60 -12.04
N ASN D 40 -26.75 -15.55 -12.42
CA ASN D 40 -26.68 -15.13 -13.84
C ASN D 40 -25.20 -15.30 -14.17
N GLU D 41 -24.84 -16.51 -14.30
CA GLU D 41 -23.48 -17.01 -14.43
C GLU D 41 -22.73 -16.33 -15.56
N SER D 42 -23.45 -15.82 -16.54
CA SER D 42 -22.79 -15.19 -17.73
C SER D 42 -22.13 -13.88 -17.29
N LYS D 43 -22.77 -13.14 -16.43
CA LYS D 43 -22.32 -11.96 -15.72
C LYS D 43 -21.13 -12.26 -14.77
N ALA D 44 -21.09 -13.34 -14.00
CA ALA D 44 -19.88 -13.57 -13.16
C ALA D 44 -18.61 -13.97 -13.93
N ILE D 45 -18.79 -14.71 -14.99
CA ILE D 45 -17.80 -15.17 -15.96
C ILE D 45 -17.21 -13.88 -16.52
N GLY D 46 -18.08 -13.00 -16.94
CA GLY D 46 -17.76 -11.72 -17.60
C GLY D 46 -16.99 -10.77 -16.74
N ASP D 47 -17.33 -10.63 -15.49
CA ASP D 47 -16.57 -9.78 -14.57
C ASP D 47 -15.30 -10.52 -14.22
N ALA D 48 -15.48 -11.89 -14.10
CA ALA D 48 -14.19 -12.57 -13.68
C ALA D 48 -13.15 -12.29 -14.78
N MET D 49 -13.59 -12.10 -16.06
CA MET D 49 -12.55 -12.02 -17.13
C MET D 49 -11.93 -10.64 -16.98
N ASP D 50 -12.82 -9.73 -16.94
CA ASP D 50 -12.51 -8.31 -16.72
C ASP D 50 -11.59 -8.10 -15.57
N PHE D 51 -11.80 -8.71 -14.44
CA PHE D 51 -10.88 -8.56 -13.27
C PHE D 51 -9.51 -9.16 -13.59
N ASN D 52 -9.45 -10.38 -14.12
CA ASN D 52 -8.24 -11.05 -14.48
C ASN D 52 -7.38 -10.32 -15.52
N HIS D 53 -7.91 -9.62 -16.51
CA HIS D 53 -7.01 -9.04 -17.52
C HIS D 53 -6.17 -7.91 -17.02
N GLY D 54 -6.57 -7.10 -16.08
CA GLY D 54 -5.69 -6.03 -15.54
C GLY D 54 -5.09 -6.26 -14.18
N LYS D 55 -5.20 -7.45 -13.64
CA LYS D 55 -4.73 -8.01 -12.37
C LYS D 55 -3.25 -7.76 -12.21
N VAL D 56 -2.58 -7.92 -13.35
CA VAL D 56 -1.11 -7.84 -13.51
C VAL D 56 -0.50 -6.58 -12.93
N PHE D 57 -1.37 -5.61 -12.94
CA PHE D 57 -1.33 -4.23 -12.63
C PHE D 57 -1.54 -3.82 -11.17
N ALA D 58 -2.10 -4.71 -10.41
CA ALA D 58 -2.37 -4.52 -8.96
C ALA D 58 -1.29 -5.27 -8.20
N PRO D 59 -1.53 -5.39 -6.88
CA PRO D 59 -0.58 -6.20 -6.06
C PRO D 59 -0.95 -7.61 -5.70
N LYS D 60 -1.51 -8.47 -6.56
CA LYS D 60 -1.68 -9.88 -6.53
C LYS D 60 -2.70 -10.78 -5.93
N PRO D 61 -3.89 -10.99 -6.45
CA PRO D 61 -4.91 -11.87 -5.84
C PRO D 61 -5.29 -12.82 -6.93
N VAL D 62 -6.02 -13.84 -6.68
CA VAL D 62 -6.47 -14.72 -7.76
C VAL D 62 -7.99 -14.62 -7.76
N ASP D 63 -8.76 -14.64 -8.73
CA ASP D 63 -10.14 -14.52 -8.96
C ASP D 63 -10.68 -15.72 -9.69
N ILE D 64 -11.88 -16.12 -9.57
CA ILE D 64 -12.37 -17.41 -10.16
C ILE D 64 -13.86 -17.08 -10.32
N TRP D 65 -14.46 -17.56 -11.33
CA TRP D 65 -15.96 -17.56 -11.38
C TRP D 65 -16.30 -19.01 -10.96
N ASP D 68 -20.36 -23.10 -8.63
CA ASP D 68 -21.18 -22.81 -7.48
C ASP D 68 -20.50 -22.80 -6.12
N TYR D 69 -21.43 -23.11 -5.18
CA TYR D 69 -21.24 -23.10 -3.76
C TYR D 69 -20.29 -24.13 -3.27
N ASP D 70 -19.81 -25.04 -4.11
CA ASP D 70 -18.82 -26.07 -3.59
C ASP D 70 -17.57 -25.23 -3.37
N ASP D 71 -17.74 -23.88 -3.48
CA ASP D 71 -16.55 -23.05 -3.30
C ASP D 71 -16.43 -22.54 -1.89
N CYS D 72 -17.53 -22.62 -1.19
CA CYS D 72 -17.63 -22.14 0.23
C CYS D 72 -17.17 -23.30 1.07
N ARG D 73 -15.96 -23.69 0.85
CA ARG D 73 -15.32 -24.94 1.30
C ARG D 73 -14.55 -24.50 2.51
N ASP D 74 -13.34 -24.06 2.19
CA ASP D 74 -12.51 -23.41 3.26
C ASP D 74 -12.43 -21.89 2.94
N ALA D 75 -13.63 -21.47 2.61
CA ALA D 75 -14.04 -20.13 2.21
C ALA D 75 -14.09 -19.32 3.47
N ASP D 76 -13.20 -18.43 3.76
CA ASP D 76 -13.07 -17.69 4.99
C ASP D 76 -14.25 -16.81 5.38
N LEU D 77 -14.76 -16.11 4.37
CA LEU D 77 -15.81 -15.09 4.41
C LEU D 77 -16.67 -15.10 3.17
N VAL D 78 -18.00 -15.05 3.37
CA VAL D 78 -18.99 -15.01 2.29
C VAL D 78 -19.76 -13.70 2.29
N VAL D 79 -19.57 -12.79 1.34
CA VAL D 79 -20.25 -11.47 1.39
C VAL D 79 -21.51 -11.63 0.56
N ILE D 80 -22.70 -11.40 1.10
CA ILE D 80 -23.96 -11.70 0.33
C ILE D 80 -24.59 -10.36 -0.05
N CYS D 81 -24.29 -9.99 -1.28
CA CYS D 81 -24.65 -8.83 -2.01
C CYS D 81 -25.81 -9.09 -2.93
N ALA D 82 -26.53 -10.19 -2.93
CA ALA D 82 -27.66 -10.48 -3.79
C ALA D 82 -28.99 -9.97 -3.28
N GLY D 83 -29.96 -9.90 -4.22
CA GLY D 83 -31.30 -9.53 -3.93
C GLY D 83 -32.10 -8.56 -4.71
N ALA D 84 -33.44 -8.69 -4.63
CA ALA D 84 -34.47 -7.99 -5.29
C ALA D 84 -34.48 -6.48 -5.15
N ASN D 85 -35.62 -5.96 -5.71
CA ASN D 85 -35.76 -4.48 -5.79
C ASN D 85 -37.20 -3.97 -5.72
N ASP D 94 -42.66 -6.91 1.13
CA ASP D 94 -42.71 -7.41 -0.23
C ASP D 94 -41.30 -7.44 -0.91
N LEU D 95 -40.30 -6.89 -0.26
CA LEU D 95 -38.89 -6.89 -0.42
C LEU D 95 -38.36 -7.98 0.59
N VAL D 96 -38.69 -7.57 1.80
CA VAL D 96 -38.32 -8.35 2.96
C VAL D 96 -38.68 -9.80 2.70
N ASP D 97 -39.88 -10.10 2.16
CA ASP D 97 -40.29 -11.57 2.14
C ASP D 97 -40.11 -12.14 0.71
N LYS D 98 -39.33 -11.46 -0.05
CA LYS D 98 -38.99 -11.82 -1.40
C LYS D 98 -37.52 -12.23 -1.29
N ASN D 99 -36.94 -11.30 -0.49
CA ASN D 99 -35.53 -11.26 -0.11
C ASN D 99 -35.24 -12.36 0.87
N ILE D 100 -35.98 -12.46 1.95
CA ILE D 100 -35.83 -13.61 2.85
C ILE D 100 -35.96 -14.90 2.10
N ALA D 101 -36.54 -14.79 0.89
CA ALA D 101 -36.94 -16.02 0.09
C ALA D 101 -35.77 -16.40 -0.75
N ILE D 102 -35.16 -15.33 -1.28
CA ILE D 102 -33.93 -15.45 -2.12
C ILE D 102 -32.86 -15.97 -1.17
N PHE D 103 -32.71 -15.29 -0.03
CA PHE D 103 -31.74 -15.59 1.00
C PHE D 103 -31.91 -17.01 1.54
N ARG D 104 -33.22 -17.34 1.63
CA ARG D 104 -33.49 -18.72 2.16
C ARG D 104 -32.73 -19.67 1.28
N SER D 105 -32.55 -19.34 0.00
CA SER D 105 -31.72 -20.34 -0.82
C SER D 105 -30.25 -20.13 -0.79
N ILE D 106 -29.77 -18.89 -0.60
CA ILE D 106 -28.31 -18.67 -0.73
C ILE D 106 -27.69 -19.40 0.45
N VAL D 107 -28.22 -19.12 1.63
CA VAL D 107 -27.63 -19.68 2.89
C VAL D 107 -27.72 -21.18 2.94
N GLU D 108 -28.87 -21.71 2.50
CA GLU D 108 -29.08 -23.17 2.60
C GLU D 108 -27.96 -23.83 1.86
N SER D 109 -27.66 -23.32 0.67
CA SER D 109 -26.58 -23.83 -0.20
C SER D 109 -25.15 -23.53 0.15
N VAL D 110 -24.80 -22.54 0.86
CA VAL D 110 -23.37 -22.30 1.19
C VAL D 110 -23.13 -23.28 2.35
N MET D 111 -24.29 -23.60 2.92
CA MET D 111 -24.14 -24.38 4.23
C MET D 111 -23.89 -25.81 3.80
N ALA D 112 -24.68 -26.28 2.86
CA ALA D 112 -24.48 -27.60 2.28
C ALA D 112 -23.02 -27.97 2.09
N SER D 113 -22.15 -27.11 1.69
CA SER D 113 -20.74 -27.53 1.52
C SER D 113 -20.09 -27.40 2.87
N GLY D 114 -20.85 -27.43 3.91
CA GLY D 114 -20.30 -27.38 5.29
C GLY D 114 -19.36 -26.22 5.48
N PHE D 115 -19.89 -25.03 5.40
CA PHE D 115 -19.17 -23.76 5.59
C PHE D 115 -18.92 -23.60 7.08
N GLN D 116 -17.81 -23.10 7.54
CA GLN D 116 -17.32 -22.82 8.83
C GLN D 116 -17.18 -21.33 9.10
N GLY D 117 -17.17 -20.54 8.06
CA GLY D 117 -16.84 -19.18 8.00
C GLY D 117 -17.72 -18.21 8.62
N LEU D 118 -17.69 -17.04 8.04
CA LEU D 118 -18.40 -15.82 8.45
C LEU D 118 -19.31 -15.31 7.35
N PHE D 119 -20.48 -14.78 7.71
CA PHE D 119 -21.35 -14.15 6.69
C PHE D 119 -21.25 -12.66 6.68
N LEU D 120 -21.06 -12.02 5.51
CA LEU D 120 -21.16 -10.44 5.64
C LEU D 120 -22.25 -10.09 4.61
N VAL D 121 -23.31 -9.61 5.25
CA VAL D 121 -24.57 -9.31 4.44
C VAL D 121 -24.66 -7.81 4.16
N ALA D 122 -24.62 -7.57 2.81
CA ALA D 122 -24.79 -6.20 2.37
C ALA D 122 -26.21 -5.92 1.82
N THR D 123 -27.17 -6.70 1.71
CA THR D 123 -28.39 -6.38 0.98
C THR D 123 -29.44 -5.72 1.76
N ASN D 124 -29.91 -4.52 1.31
CA ASN D 124 -31.12 -3.93 2.08
C ASN D 124 -32.25 -4.96 1.98
N PRO D 125 -33.15 -5.02 2.92
CA PRO D 125 -33.20 -4.17 4.12
C PRO D 125 -32.23 -4.90 4.99
N VAL D 126 -31.01 -4.66 5.17
CA VAL D 126 -30.04 -5.43 5.88
C VAL D 126 -30.19 -5.86 7.29
N ASP D 127 -30.61 -4.96 8.21
CA ASP D 127 -30.60 -5.41 9.70
C ASP D 127 -31.57 -6.54 9.69
N ILE D 128 -32.55 -6.53 8.80
CA ILE D 128 -33.50 -7.62 8.76
C ILE D 128 -32.96 -8.88 8.09
N LEU D 129 -32.30 -8.64 6.93
CA LEU D 129 -31.77 -9.83 6.22
C LEU D 129 -30.59 -10.42 7.00
N THR D 130 -30.08 -9.65 7.95
CA THR D 130 -28.88 -10.11 8.65
C THR D 130 -29.35 -11.08 9.71
N TYR D 131 -30.53 -10.81 10.20
CA TYR D 131 -31.13 -11.66 11.30
C TYR D 131 -31.55 -12.99 10.69
N ALA D 132 -32.01 -12.90 9.45
CA ALA D 132 -32.55 -14.03 8.72
C ALA D 132 -31.44 -14.93 8.33
N THR D 133 -30.30 -14.24 8.05
CA THR D 133 -29.12 -15.07 7.62
C THR D 133 -28.73 -15.92 8.81
N TRP D 134 -28.87 -15.35 9.99
CA TRP D 134 -28.43 -16.02 11.23
C TRP D 134 -29.41 -17.14 11.44
N LYS D 135 -30.69 -16.90 11.44
CA LYS D 135 -31.73 -17.91 11.54
C LYS D 135 -31.62 -19.01 10.49
N PHE D 136 -31.20 -18.73 9.28
CA PHE D 136 -31.11 -19.75 8.24
C PHE D 136 -29.80 -20.54 8.28
N SER D 137 -28.76 -20.12 8.87
CA SER D 137 -27.51 -20.92 8.75
C SER D 137 -27.29 -21.83 9.93
N GLY D 138 -27.52 -21.35 11.14
CA GLY D 138 -27.28 -22.16 12.37
C GLY D 138 -26.38 -21.26 13.30
N LEU D 139 -25.32 -20.86 12.71
CA LEU D 139 -24.20 -20.19 13.27
C LEU D 139 -24.47 -19.29 14.45
N PRO D 140 -23.54 -19.37 15.41
CA PRO D 140 -23.52 -18.42 16.48
C PRO D 140 -23.61 -17.06 15.74
N HIS D 141 -24.27 -16.14 16.40
CA HIS D 141 -24.58 -14.79 15.95
C HIS D 141 -23.34 -13.91 15.99
N GLU D 142 -22.14 -14.43 16.15
CA GLU D 142 -21.01 -13.52 16.26
C GLU D 142 -20.27 -13.73 14.93
N ARG D 143 -20.84 -14.68 14.23
CA ARG D 143 -20.24 -15.14 12.97
C ARG D 143 -21.06 -14.65 11.76
N VAL D 144 -22.20 -13.97 12.01
CA VAL D 144 -23.08 -13.39 11.04
C VAL D 144 -23.21 -11.85 11.27
N ILE D 145 -22.56 -11.18 10.32
CA ILE D 145 -22.35 -9.72 10.44
C ILE D 145 -23.21 -9.12 9.31
N GLY D 146 -23.58 -7.95 9.48
CA GLY D 146 -24.38 -7.10 8.69
C GLY D 146 -23.66 -5.74 8.42
N SER D 147 -23.87 -5.27 7.22
CA SER D 147 -23.23 -4.08 6.68
C SER D 147 -23.40 -2.90 7.57
N GLY D 148 -24.54 -2.81 8.23
CA GLY D 148 -25.14 -1.86 9.15
C GLY D 148 -25.09 -0.42 8.88
N THR D 149 -24.89 0.43 9.87
CA THR D 149 -24.74 1.84 9.76
C THR D 149 -23.27 2.23 9.48
N ILE D 150 -22.47 1.34 9.03
CA ILE D 150 -21.11 1.55 8.61
C ILE D 150 -20.97 2.65 7.59
N LEU D 151 -21.85 2.94 6.73
CA LEU D 151 -21.56 3.87 5.59
C LEU D 151 -22.22 5.14 6.00
N ASP D 152 -23.18 4.89 6.87
CA ASP D 152 -23.97 6.01 7.44
C ASP D 152 -23.01 6.91 8.24
N THR D 153 -22.15 6.25 9.07
CA THR D 153 -21.23 6.97 9.97
C THR D 153 -20.05 7.38 9.21
N ALA D 154 -19.79 6.78 8.05
CA ALA D 154 -18.79 7.30 7.09
C ALA D 154 -19.40 8.59 6.51
N ARG D 155 -20.66 8.55 6.07
CA ARG D 155 -21.21 9.77 5.41
C ARG D 155 -21.07 10.87 6.44
N PHE D 156 -21.43 10.60 7.65
CA PHE D 156 -21.52 11.47 8.83
C PHE D 156 -20.13 12.08 8.99
N ARG D 157 -19.15 11.32 9.36
CA ARG D 157 -17.78 11.68 9.50
C ARG D 157 -17.16 12.41 8.31
N PHE D 158 -17.52 12.22 7.12
CA PHE D 158 -17.15 12.97 5.92
C PHE D 158 -17.78 14.37 6.04
N LEU D 159 -19.05 14.63 6.01
CA LEU D 159 -19.66 15.92 6.21
C LEU D 159 -19.15 16.68 7.43
N LEU D 160 -19.01 16.09 8.59
CA LEU D 160 -18.54 16.90 9.76
C LEU D 160 -17.06 17.27 9.50
N GLY D 161 -16.29 16.30 9.02
CA GLY D 161 -14.92 16.46 8.65
C GLY D 161 -14.73 17.61 7.69
N GLU D 162 -15.72 17.92 6.91
CA GLU D 162 -15.70 18.98 5.88
C GLU D 162 -16.06 20.32 6.48
N TYR D 163 -16.94 20.27 7.43
CA TYR D 163 -17.42 21.39 8.24
C TYR D 163 -16.26 22.01 9.03
N PHE D 164 -15.57 21.26 9.82
CA PHE D 164 -14.40 21.66 10.61
C PHE D 164 -13.15 21.74 9.74
N SER D 165 -13.32 21.32 8.55
CA SER D 165 -12.25 21.22 7.57
C SER D 165 -11.12 20.38 8.15
N VAL D 166 -11.44 19.33 8.93
CA VAL D 166 -10.33 18.44 9.38
C VAL D 166 -10.40 17.17 8.54
N ALA D 167 -9.88 16.09 8.97
CA ALA D 167 -9.82 14.86 8.12
C ALA D 167 -10.76 13.90 8.78
N PRO D 168 -11.70 13.37 7.98
CA PRO D 168 -12.76 12.52 8.49
C PRO D 168 -12.26 11.52 9.51
N GLN D 169 -11.00 11.13 9.41
CA GLN D 169 -10.40 10.07 10.28
C GLN D 169 -10.04 10.54 11.66
N ASN D 170 -10.15 11.76 11.96
CA ASN D 170 -10.01 12.46 13.22
C ASN D 170 -11.45 12.74 13.72
N VAL D 171 -12.47 12.86 12.92
CA VAL D 171 -13.84 12.92 13.50
C VAL D 171 -14.25 11.58 14.15
N HIS D 172 -14.72 11.59 15.37
CA HIS D 172 -15.21 10.31 15.95
C HIS D 172 -16.67 10.52 16.30
N ALA D 173 -17.58 10.00 15.46
CA ALA D 173 -19.02 10.21 15.62
C ALA D 173 -19.71 9.04 14.89
N TYR D 174 -20.65 8.43 15.58
CA TYR D 174 -21.43 7.31 15.18
C TYR D 174 -22.88 7.63 14.76
N ILE D 175 -23.40 6.80 13.85
CA ILE D 175 -24.85 6.67 13.51
C ILE D 175 -25.27 5.24 13.86
N ILE D 176 -26.22 5.08 14.74
CA ILE D 176 -26.63 3.70 15.26
C ILE D 176 -28.11 3.56 15.05
N GLY D 177 -28.66 2.43 15.20
CA GLY D 177 -30.13 2.18 14.99
C GLY D 177 -30.32 1.43 13.71
N GLU D 178 -31.35 1.70 12.94
CA GLU D 178 -31.60 0.95 11.70
C GLU D 178 -31.03 1.67 10.52
N HIS D 179 -30.55 0.79 9.58
CA HIS D 179 -29.86 1.34 8.38
C HIS D 179 -31.01 1.92 7.53
N GLY D 180 -31.48 3.13 7.82
CA GLY D 180 -32.66 3.54 7.10
C GLY D 180 -33.19 4.79 7.72
N ASP D 181 -34.49 4.90 7.75
CA ASP D 181 -35.15 6.09 8.28
C ASP D 181 -34.98 6.37 9.76
N THR D 182 -35.00 5.31 10.56
CA THR D 182 -34.99 5.43 11.99
C THR D 182 -33.65 5.58 12.64
N GLU D 183 -32.61 5.55 11.88
CA GLU D 183 -31.23 5.63 12.47
C GLU D 183 -31.17 6.95 13.15
N LEU D 184 -30.44 7.10 14.20
CA LEU D 184 -30.26 8.38 14.92
C LEU D 184 -28.77 8.53 15.03
N PRO D 185 -28.27 9.72 15.18
CA PRO D 185 -26.88 9.99 15.43
C PRO D 185 -26.72 10.06 16.93
N VAL D 186 -25.56 9.73 17.40
CA VAL D 186 -25.13 9.75 18.82
C VAL D 186 -24.29 11.05 18.98
N TRP D 187 -25.06 12.12 19.17
CA TRP D 187 -24.62 13.47 19.33
C TRP D 187 -23.84 13.69 20.61
N SER D 188 -24.23 13.09 21.69
CA SER D 188 -23.60 13.34 22.99
C SER D 188 -22.21 12.78 23.02
N GLN D 189 -21.78 11.80 22.32
CA GLN D 189 -20.44 11.28 22.34
C GLN D 189 -19.82 11.28 20.91
N ALA D 190 -19.80 12.51 20.38
CA ALA D 190 -19.22 12.79 19.06
C ALA D 190 -18.08 13.75 19.28
N TYR D 191 -16.88 13.37 19.03
CA TYR D 191 -15.71 14.25 19.29
C TYR D 191 -15.00 14.56 18.01
N ILE D 192 -14.12 15.50 18.04
CA ILE D 192 -13.21 15.84 16.87
C ILE D 192 -11.84 15.82 17.55
N GLY D 193 -11.12 14.74 17.36
CA GLY D 193 -9.88 14.56 18.22
C GLY D 193 -10.50 14.14 19.56
N VAL D 194 -10.38 14.87 20.61
CA VAL D 194 -10.88 14.52 21.95
C VAL D 194 -11.72 15.69 22.43
N MET D 195 -11.99 16.56 21.47
CA MET D 195 -12.77 17.79 21.82
C MET D 195 -14.17 17.58 21.32
N PRO D 196 -15.11 17.40 22.22
CA PRO D 196 -16.52 17.31 21.91
C PRO D 196 -16.92 18.43 20.99
N ILE D 197 -18.12 18.42 20.49
CA ILE D 197 -18.74 19.60 19.80
C ILE D 197 -19.72 20.25 20.79
N ASP D 211 -25.68 24.73 10.56
CA ASP D 211 -26.26 23.69 11.37
C ASP D 211 -25.67 22.28 11.11
N LEU D 212 -25.67 21.49 12.19
CA LEU D 212 -25.33 20.17 12.37
C LEU D 212 -26.64 19.39 12.38
N GLU D 213 -27.79 19.94 12.68
CA GLU D 213 -28.96 18.98 12.55
C GLU D 213 -29.31 18.78 11.10
N ARG D 214 -28.76 19.55 10.24
CA ARG D 214 -28.90 19.66 8.80
C ARG D 214 -28.01 18.58 8.25
N ILE D 215 -26.70 18.69 8.59
CA ILE D 215 -25.74 17.67 8.25
C ILE D 215 -26.31 16.24 8.40
N PHE D 216 -26.90 15.96 9.54
CA PHE D 216 -27.50 14.68 9.84
C PHE D 216 -28.72 14.46 8.90
N VAL D 217 -29.50 15.40 8.52
CA VAL D 217 -30.65 15.19 7.63
C VAL D 217 -30.11 14.86 6.24
N ASN D 218 -28.96 15.33 5.87
CA ASN D 218 -28.27 15.02 4.62
C ASN D 218 -27.59 13.67 4.77
N VAL D 219 -27.20 13.29 5.97
CA VAL D 219 -26.65 11.92 6.11
C VAL D 219 -27.70 10.82 5.87
N ARG D 220 -28.94 11.03 6.16
CA ARG D 220 -30.04 10.10 6.20
C ARG D 220 -30.85 10.10 4.91
N ASP D 221 -30.94 11.23 4.23
CA ASP D 221 -31.59 11.25 2.91
C ASP D 221 -30.43 11.19 1.94
N ALA D 222 -29.33 10.45 2.13
CA ALA D 222 -28.20 10.54 1.19
C ALA D 222 -28.26 9.60 0.00
N ALA D 223 -28.84 8.46 0.18
CA ALA D 223 -29.06 7.36 -0.75
C ALA D 223 -29.96 7.83 -1.88
N TYR D 224 -31.13 8.32 -1.42
CA TYR D 224 -32.21 8.89 -2.23
C TYR D 224 -31.64 10.01 -3.10
N GLN D 225 -30.68 10.70 -2.44
CA GLN D 225 -30.03 11.85 -3.08
C GLN D 225 -29.06 11.44 -4.13
N ILE D 226 -28.38 10.30 -3.97
CA ILE D 226 -27.34 9.95 -4.97
C ILE D 226 -28.01 9.11 -6.01
N ILE D 227 -29.12 8.51 -5.64
CA ILE D 227 -29.89 7.54 -6.44
C ILE D 227 -30.70 8.26 -7.52
N GLU D 228 -31.09 9.46 -7.11
CA GLU D 228 -31.87 10.32 -7.95
C GLU D 228 -30.99 10.84 -9.06
N LYS D 229 -29.67 10.94 -8.89
CA LYS D 229 -28.85 11.58 -9.94
C LYS D 229 -27.92 10.62 -10.69
N LYS D 230 -27.93 9.35 -10.38
CA LYS D 230 -27.06 8.36 -11.00
C LYS D 230 -27.65 6.98 -10.91
N GLY D 231 -28.94 6.92 -10.52
CA GLY D 231 -29.67 5.68 -10.45
C GLY D 231 -29.36 4.78 -9.34
N ALA D 232 -28.14 4.73 -8.76
CA ALA D 232 -27.96 3.73 -7.64
C ALA D 232 -26.69 3.98 -6.89
N THR D 233 -26.65 3.57 -5.61
CA THR D 233 -25.48 3.60 -4.80
C THR D 233 -24.69 2.26 -4.82
N TYR D 234 -23.36 2.42 -4.84
CA TYR D 234 -22.50 1.21 -4.85
C TYR D 234 -21.08 1.48 -4.45
N TYR D 235 -20.34 2.44 -4.81
CA TYR D 235 -18.93 2.68 -4.36
C TYR D 235 -18.89 2.92 -2.84
N GLY D 236 -19.69 3.84 -2.37
CA GLY D 236 -19.86 4.11 -0.95
C GLY D 236 -19.69 2.84 -0.11
N ILE D 237 -20.74 2.08 -0.16
CA ILE D 237 -20.76 0.80 0.59
C ILE D 237 -19.57 -0.09 0.33
N ALA D 238 -19.25 -0.55 -0.85
CA ALA D 238 -18.13 -1.48 -1.12
C ALA D 238 -16.95 -1.08 -0.30
N MET D 239 -16.67 0.22 -0.28
CA MET D 239 -15.51 0.73 0.46
C MET D 239 -15.72 0.32 1.92
N GLY D 240 -16.92 0.48 2.40
CA GLY D 240 -17.33 0.14 3.79
C GLY D 240 -17.27 -1.35 4.01
N LEU D 241 -17.46 -2.13 3.00
CA LEU D 241 -17.51 -3.58 2.94
C LEU D 241 -16.10 -4.08 2.85
N ALA D 242 -15.22 -3.24 2.28
CA ALA D 242 -13.80 -3.56 2.17
C ALA D 242 -13.14 -3.35 3.54
N ARG D 243 -13.47 -2.46 4.41
CA ARG D 243 -12.95 -2.25 5.74
C ARG D 243 -13.29 -3.35 6.75
N VAL D 244 -14.56 -3.69 7.01
CA VAL D 244 -14.97 -4.83 7.83
C VAL D 244 -14.20 -6.08 7.35
N THR D 245 -14.03 -6.22 6.02
CA THR D 245 -13.30 -7.38 5.52
C THR D 245 -11.87 -7.22 6.07
N ARG D 246 -11.35 -6.02 5.98
CA ARG D 246 -10.03 -5.81 6.49
C ARG D 246 -10.02 -6.29 7.98
N ALA D 247 -10.97 -5.81 8.80
CA ALA D 247 -11.02 -6.08 10.20
C ALA D 247 -11.03 -7.56 10.39
N ILE D 248 -11.73 -8.28 9.64
CA ILE D 248 -11.86 -9.75 9.87
C ILE D 248 -10.53 -10.35 9.52
N LEU D 249 -10.16 -10.07 8.24
CA LEU D 249 -9.07 -10.93 7.67
C LEU D 249 -7.76 -10.73 8.39
N HIS D 250 -7.53 -9.57 8.95
CA HIS D 250 -6.37 -9.14 9.68
C HIS D 250 -6.55 -9.14 11.20
N ASN D 251 -7.57 -9.68 11.81
CA ASN D 251 -7.71 -9.64 13.29
C ASN D 251 -7.59 -8.22 13.86
N GLU D 252 -8.30 -7.23 13.33
CA GLU D 252 -7.94 -5.88 13.78
C GLU D 252 -8.30 -5.65 15.22
N ASN D 253 -9.49 -5.97 15.60
CA ASN D 253 -10.09 -5.63 16.90
C ASN D 253 -10.56 -4.16 16.68
N ALA D 254 -11.13 -4.00 15.48
CA ALA D 254 -11.58 -2.63 15.15
C ALA D 254 -12.94 -2.29 15.75
N ILE D 255 -13.10 -1.01 16.19
CA ILE D 255 -14.44 -0.63 16.59
C ILE D 255 -15.12 0.03 15.33
N LEU D 256 -15.97 -0.75 14.74
CA LEU D 256 -16.77 -0.48 13.56
C LEU D 256 -18.26 -0.45 13.84
N THR D 257 -19.01 0.49 13.34
CA THR D 257 -20.50 0.37 13.71
C THR D 257 -21.29 -0.54 12.83
N VAL D 258 -21.32 -1.83 12.92
CA VAL D 258 -22.01 -2.82 12.16
C VAL D 258 -23.42 -3.14 12.66
N SER D 259 -24.06 -4.18 12.12
CA SER D 259 -25.33 -4.76 12.41
C SER D 259 -25.00 -6.06 13.23
N ALA D 260 -25.01 -5.91 14.52
CA ALA D 260 -24.70 -6.88 15.53
C ALA D 260 -26.06 -7.25 16.14
N TYR D 261 -26.14 -8.42 16.76
CA TYR D 261 -27.27 -8.96 17.45
C TYR D 261 -27.28 -8.53 18.90
N LEU D 262 -28.37 -7.94 19.34
CA LEU D 262 -28.50 -7.44 20.71
C LEU D 262 -29.06 -8.49 21.65
N ASP D 263 -28.38 -8.83 22.67
CA ASP D 263 -28.06 -9.49 23.84
C ASP D 263 -28.84 -9.12 25.12
N GLY D 264 -29.39 -7.91 25.08
CA GLY D 264 -29.95 -7.29 26.30
C GLY D 264 -28.93 -6.19 26.60
N LEU D 265 -28.39 -5.67 25.49
CA LEU D 265 -27.35 -4.64 25.63
C LEU D 265 -28.01 -3.30 25.50
N TYR D 266 -28.66 -2.90 24.53
CA TYR D 266 -29.05 -1.40 24.68
C TYR D 266 -30.38 -1.43 25.40
N GLY D 267 -30.67 -2.59 25.93
CA GLY D 267 -32.12 -2.68 26.45
C GLY D 267 -32.77 -3.70 25.49
N GLU D 268 -32.33 -4.16 24.38
CA GLU D 268 -33.06 -5.01 23.50
C GLU D 268 -32.73 -6.47 23.54
N ARG D 269 -33.68 -7.38 23.16
CA ARG D 269 -33.40 -8.79 23.41
C ARG D 269 -33.43 -9.60 22.17
N ASP D 270 -33.73 -9.25 20.99
CA ASP D 270 -33.69 -10.29 19.90
C ASP D 270 -34.01 -9.55 18.59
N VAL D 271 -33.01 -8.95 18.02
CA VAL D 271 -32.99 -8.06 16.93
C VAL D 271 -31.53 -7.98 16.51
N TYR D 272 -31.34 -7.54 15.27
CA TYR D 272 -29.95 -7.24 14.78
C TYR D 272 -30.05 -5.76 14.52
N ILE D 273 -29.30 -4.88 15.01
CA ILE D 273 -29.39 -3.44 14.68
C ILE D 273 -27.98 -2.91 14.59
N GLY D 274 -27.75 -1.72 14.18
CA GLY D 274 -26.51 -1.04 13.89
C GLY D 274 -25.95 -0.51 15.20
N VAL D 275 -24.77 -1.02 15.55
CA VAL D 275 -24.22 -0.65 16.88
C VAL D 275 -22.73 -0.82 16.95
N PRO D 276 -21.98 -0.09 17.76
CA PRO D 276 -20.53 -0.19 17.80
C PRO D 276 -20.07 -1.61 18.11
N ALA D 277 -19.41 -2.38 17.28
CA ALA D 277 -19.03 -3.74 17.80
C ALA D 277 -17.54 -3.82 17.53
N VAL D 278 -16.80 -4.68 18.17
CA VAL D 278 -15.37 -4.80 18.01
C VAL D 278 -15.11 -5.88 16.98
N ILE D 279 -14.35 -5.69 15.92
CA ILE D 279 -14.31 -6.77 14.88
C ILE D 279 -13.01 -7.49 14.85
N ASN D 280 -12.95 -8.74 14.42
CA ASN D 280 -11.58 -9.38 14.44
C ASN D 280 -11.80 -10.69 13.76
N ARG D 281 -10.85 -11.53 13.47
CA ARG D 281 -10.90 -12.70 12.67
C ARG D 281 -12.00 -13.67 12.93
N ASN D 282 -12.40 -13.80 14.14
CA ASN D 282 -13.43 -14.77 14.52
C ASN D 282 -14.78 -14.08 14.69
N GLY D 283 -15.16 -13.09 13.94
CA GLY D 283 -16.47 -12.50 13.90
C GLY D 283 -16.67 -11.37 14.78
N ILE D 284 -17.73 -11.10 15.47
CA ILE D 284 -17.82 -9.97 16.46
C ILE D 284 -17.25 -10.40 17.75
N ARG D 285 -16.56 -9.56 18.48
CA ARG D 285 -15.94 -9.89 19.77
C ARG D 285 -16.95 -9.55 20.85
N GLU D 286 -17.37 -8.28 20.67
CA GLU D 286 -18.27 -7.75 21.76
C GLU D 286 -18.88 -6.49 21.31
N VAL D 287 -20.14 -6.30 21.60
CA VAL D 287 -20.92 -5.06 21.23
C VAL D 287 -20.65 -4.01 22.27
N ILE D 288 -20.30 -2.84 22.06
CA ILE D 288 -20.09 -1.83 23.09
C ILE D 288 -21.44 -1.12 23.41
N GLU D 289 -21.68 -0.80 24.66
CA GLU D 289 -22.78 0.08 24.99
C GLU D 289 -22.30 1.51 25.16
N ILE D 290 -22.15 2.30 24.15
CA ILE D 290 -21.85 3.77 24.40
C ILE D 290 -22.94 4.22 25.34
N GLU D 291 -22.73 5.15 26.22
CA GLU D 291 -23.76 5.74 27.12
C GLU D 291 -24.59 6.86 26.45
N LEU D 292 -25.87 6.57 26.33
CA LEU D 292 -26.78 7.40 25.55
C LEU D 292 -27.55 8.37 26.41
N ASN D 293 -27.75 9.48 25.71
CA ASN D 293 -28.45 10.68 26.25
C ASN D 293 -29.78 10.06 26.60
N ASP D 294 -30.79 10.89 26.51
CA ASP D 294 -32.18 10.30 26.70
C ASP D 294 -32.59 10.18 25.21
N ASP D 295 -31.53 9.82 24.40
CA ASP D 295 -31.51 9.57 22.93
C ASP D 295 -31.52 8.03 22.82
N GLU D 296 -31.94 7.50 23.92
CA GLU D 296 -32.15 6.15 24.37
C GLU D 296 -33.52 5.62 23.93
N LYS D 297 -34.05 4.87 24.89
CA LYS D 297 -35.37 4.18 24.78
C LYS D 297 -36.33 5.24 24.27
N ASN D 298 -35.78 5.77 23.12
CA ASN D 298 -36.52 6.78 22.39
C ASN D 298 -36.20 6.74 20.92
N ARG D 299 -34.98 7.05 20.56
CA ARG D 299 -34.63 7.01 19.10
C ARG D 299 -34.21 5.56 18.87
N PHE D 300 -33.33 5.02 19.68
CA PHE D 300 -32.83 3.67 19.58
C PHE D 300 -33.89 2.63 19.91
N HIS D 301 -34.70 2.98 20.91
CA HIS D 301 -35.77 1.99 21.28
C HIS D 301 -36.79 1.86 20.18
N HIS D 302 -37.03 3.07 19.59
CA HIS D 302 -38.02 3.31 18.54
C HIS D 302 -37.63 2.50 17.32
N SER D 303 -36.38 2.63 16.94
CA SER D 303 -35.63 2.03 15.89
C SER D 303 -35.64 0.52 16.09
N ALA D 304 -35.12 0.09 17.23
CA ALA D 304 -35.15 -1.37 17.56
C ALA D 304 -36.57 -1.90 17.37
N ALA D 305 -37.54 -1.14 17.78
CA ALA D 305 -38.97 -1.56 17.76
C ALA D 305 -39.47 -1.68 16.35
N THR D 306 -39.17 -0.72 15.49
CA THR D 306 -39.56 -0.71 14.10
C THR D 306 -39.16 -2.01 13.37
N LEU D 307 -37.95 -2.48 13.72
CA LEU D 307 -37.40 -3.68 13.13
C LEU D 307 -37.93 -4.93 13.80
N LYS D 308 -38.13 -4.85 15.08
CA LYS D 308 -38.34 -6.06 15.94
C LYS D 308 -39.60 -6.69 15.51
N SER D 309 -40.31 -5.85 14.77
CA SER D 309 -41.69 -6.15 14.36
C SER D 309 -41.87 -6.49 12.91
N VAL D 310 -40.96 -6.00 12.02
CA VAL D 310 -40.91 -6.40 10.63
C VAL D 310 -40.53 -7.91 10.69
N LEU D 311 -39.88 -8.29 11.76
CA LEU D 311 -39.40 -9.71 11.85
C LEU D 311 -40.56 -10.60 12.17
N ALA D 312 -41.65 -9.97 12.63
CA ALA D 312 -42.83 -10.85 13.14
C ALA D 312 -43.85 -10.75 12.02
N ARG D 313 -44.04 -9.52 11.55
CA ARG D 313 -44.82 -9.24 10.34
C ARG D 313 -44.29 -10.01 9.13
N ALA D 314 -42.98 -10.01 8.92
CA ALA D 314 -42.27 -10.71 7.85
C ALA D 314 -41.96 -12.21 8.16
N PHE D 315 -41.15 -12.80 7.30
CA PHE D 315 -40.63 -14.16 7.44
C PHE D 315 -41.16 -15.15 6.41
N THR D 316 -42.10 -15.93 6.88
CA THR D 316 -42.91 -16.94 6.16
C THR D 316 -42.31 -17.48 4.90
N ARG D 317 -42.93 -17.34 3.73
CA ARG D 317 -42.28 -17.77 2.47
C ARG D 317 -41.29 -16.64 2.02
S SO4 E . 12.41 9.16 22.49
O1 SO4 E . 12.54 7.68 22.04
O2 SO4 E . 11.04 9.57 22.79
O3 SO4 E . 12.99 10.04 21.42
O4 SO4 E . 13.17 9.18 23.78
S SO4 F . -7.28 10.85 16.88
O1 SO4 F . -6.72 10.14 15.69
O2 SO4 F . -8.65 11.46 16.43
O3 SO4 F . -6.38 12.07 17.20
O4 SO4 F . -7.57 10.13 18.09
#